data_6NC9
#
_entry.id   6NC9
#
_cell.length_a   128.579
_cell.length_b   57.443
_cell.length_c   86.406
_cell.angle_alpha   90.00
_cell.angle_beta   100.72
_cell.angle_gamma   90.00
#
_symmetry.space_group_name_H-M   'C 1 2 1'
#
loop_
_entity.id
_entity.type
_entity.pdbx_description
1 polymer 'Lipid II flippase MurJ'
2 non-polymer 'PENTAETHYLENE GLYCOL'
3 non-polymer '(2S)-2,3-dihydroxypropyl (9Z)-octadec-9-enoate'
4 non-polymer 'SODIUM ION'
5 non-polymer '(2R)-2,3-dihydroxypropyl (9Z)-octadec-9-enoate'
6 water water
#
_entity_poly.entity_id   1
_entity_poly.type   'polypeptide(L)'
_entity_poly.pdbx_seq_one_letter_code
;MSILFSSILFSIATFFSRILGLFRDVLFAKYFGVSYELDAYFIAIMFPFFLRKVFGEGAMSSAFVPLYSEKSGEEKDKFL
SSVINGFSLIILALVILSYFFPELIINLFGAGSSHETKILAKKLLLITSPSIYFIFLWAISYSILNTNNKFFWPALTPSI
SNITIIIGTFLSTKYGIISPTIGFLIGSILMFFSIIKSIIKHKYYFTIKHFPHFLKLFFPTFMTMVVSQINTVVDMNVVS
FYDKGSISYLQYASRFYLLPYGLFAVSVSTVVLSKISNDRKNFNYHLNDALKTTLFFTIPSMVGLIFLSTPIIRFFYEHG
AFTSKDTLITSKILIAYTLGLPFYGIYSTISRSYHAIKNTKTPFIAATIVSLSNIILDIIFGLKYGPIGVALATSIAGII
GVLYLLFSVKTFPIKDFLKISLNSLIMLFVIYLTDFTDNEFWFLIQILIGILVYLIFSSIFYRDLIRRFLYARKK
;
_entity_poly.pdbx_strand_id   A
#
loop_
_chem_comp.id
_chem_comp.type
_chem_comp.name
_chem_comp.formula
1PE non-polymer 'PENTAETHYLENE GLYCOL' 'C10 H22 O6'
NA non-polymer 'SODIUM ION' 'Na 1'
OLB non-polymer '(2S)-2,3-dihydroxypropyl (9Z)-octadec-9-enoate' 'C21 H40 O4'
OLC non-polymer '(2R)-2,3-dihydroxypropyl (9Z)-octadec-9-enoate' 'C21 H40 O4'
#
# COMPACT_ATOMS: atom_id res chain seq x y z
N MET A 1 -7.06 21.70 0.40
CA MET A 1 -7.92 20.96 1.38
C MET A 1 -7.20 20.65 2.68
N SER A 2 -7.99 20.27 3.68
CA SER A 2 -7.44 19.76 4.93
C SER A 2 -6.87 18.37 4.73
N ILE A 3 -6.03 17.95 5.68
CA ILE A 3 -5.47 16.61 5.63
C ILE A 3 -6.58 15.57 5.68
N LEU A 4 -7.61 15.82 6.49
CA LEU A 4 -8.70 14.85 6.62
C LEU A 4 -9.40 14.63 5.28
N PHE A 5 -9.79 15.71 4.61
CA PHE A 5 -10.56 15.58 3.37
C PHE A 5 -9.72 14.95 2.27
N SER A 6 -8.47 15.39 2.11
CA SER A 6 -7.60 14.79 1.10
C SER A 6 -7.36 13.30 1.39
N SER A 7 -7.23 12.94 2.66
CA SER A 7 -7.02 11.54 3.02
C SER A 7 -8.27 10.71 2.74
N ILE A 8 -9.46 11.24 3.03
CA ILE A 8 -10.69 10.54 2.70
C ILE A 8 -10.76 10.30 1.19
N LEU A 9 -10.44 11.32 0.40
CA LEU A 9 -10.47 11.19 -1.05
C LEU A 9 -9.48 10.13 -1.53
N PHE A 10 -8.26 10.14 -0.99
CA PHE A 10 -7.29 9.10 -1.30
C PHE A 10 -7.88 7.73 -1.03
N SER A 11 -8.49 7.56 0.15
CA SER A 11 -9.00 6.24 0.54
C SER A 11 -10.18 5.81 -0.33
N ILE A 12 -11.05 6.75 -0.71
CA ILE A 12 -12.19 6.42 -1.56
C ILE A 12 -11.71 5.95 -2.92
N ALA A 13 -10.78 6.70 -3.52
CA ALA A 13 -10.24 6.33 -4.83
C ALA A 13 -9.54 4.98 -4.75
N THR A 14 -8.76 4.74 -3.69
CA THR A 14 -8.11 3.46 -3.51
C THR A 14 -9.13 2.34 -3.41
N PHE A 15 -10.18 2.55 -2.62
CA PHE A 15 -11.23 1.54 -2.49
C PHE A 15 -11.82 1.18 -3.85
N PHE A 16 -12.13 2.18 -4.67
CA PHE A 16 -12.68 1.92 -5.99
C PHE A 16 -11.70 1.07 -6.82
N SER A 17 -10.43 1.46 -6.84
CA SER A 17 -9.42 0.68 -7.55
C SER A 17 -9.38 -0.75 -7.03
N ARG A 18 -9.41 -0.94 -5.71
CA ARG A 18 -9.31 -2.30 -5.18
C ARG A 18 -10.54 -3.13 -5.48
N ILE A 19 -11.72 -2.52 -5.57
CA ILE A 19 -12.92 -3.26 -5.98
C ILE A 19 -12.70 -3.88 -7.35
N LEU A 20 -12.18 -3.09 -8.29
CA LEU A 20 -11.90 -3.62 -9.62
C LEU A 20 -10.79 -4.65 -9.58
N GLY A 21 -9.84 -4.52 -8.65
CA GLY A 21 -8.85 -5.55 -8.47
C GLY A 21 -9.45 -6.87 -8.01
N LEU A 22 -10.46 -6.80 -7.14
CA LEU A 22 -11.18 -8.00 -6.73
C LEU A 22 -11.88 -8.64 -7.92
N PHE A 23 -12.55 -7.84 -8.74
CA PHE A 23 -13.22 -8.39 -9.92
C PHE A 23 -12.22 -9.01 -10.88
N ARG A 24 -11.06 -8.37 -11.04
CA ARG A 24 -9.98 -8.94 -11.84
C ARG A 24 -9.60 -10.33 -11.34
N ASP A 25 -9.44 -10.48 -10.02
CA ASP A 25 -9.06 -11.78 -9.46
C ASP A 25 -10.18 -12.80 -9.62
N VAL A 26 -11.43 -12.37 -9.47
CA VAL A 26 -12.55 -13.28 -9.70
C VAL A 26 -12.52 -13.82 -11.12
N LEU A 27 -12.21 -12.96 -12.09
CA LEU A 27 -12.23 -13.38 -13.48
C LEU A 27 -11.05 -14.28 -13.81
N PHE A 28 -9.89 -14.01 -13.20
CA PHE A 28 -8.77 -14.94 -13.31
C PHE A 28 -9.19 -16.34 -12.89
N ALA A 29 -9.82 -16.46 -11.73
CA ALA A 29 -10.26 -17.77 -11.24
C ALA A 29 -11.26 -18.41 -12.20
N LYS A 30 -12.11 -17.60 -12.83
CA LYS A 30 -13.11 -18.14 -13.72
C LYS A 30 -12.50 -18.60 -15.04
N TYR A 31 -11.58 -17.81 -15.60
CA TYR A 31 -11.06 -18.07 -16.94
C TYR A 31 -9.83 -18.94 -16.97
N PHE A 32 -9.11 -19.07 -15.85
CA PHE A 32 -7.94 -19.91 -15.79
C PHE A 32 -7.96 -20.93 -14.65
N GLY A 33 -8.72 -20.67 -13.58
CA GLY A 33 -8.78 -21.61 -12.49
C GLY A 33 -7.42 -21.80 -11.87
N VAL A 34 -7.09 -23.04 -11.54
CA VAL A 34 -5.73 -23.41 -11.20
C VAL A 34 -5.12 -23.99 -12.48
N SER A 35 -4.21 -23.22 -13.08
CA SER A 35 -3.52 -23.64 -14.27
C SER A 35 -2.11 -23.09 -14.18
N TYR A 36 -1.15 -23.84 -14.70
CA TYR A 36 0.24 -23.39 -14.62
C TYR A 36 0.43 -22.09 -15.39
N GLU A 37 -0.43 -21.82 -16.37
CA GLU A 37 -0.28 -20.62 -17.19
C GLU A 37 -0.56 -19.35 -16.39
N LEU A 38 -1.57 -19.37 -15.52
CA LEU A 38 -1.80 -18.23 -14.65
C LEU A 38 -0.64 -18.04 -13.68
N ASP A 39 -0.09 -19.15 -13.19
CA ASP A 39 1.11 -19.07 -12.35
C ASP A 39 2.26 -18.41 -13.09
N ALA A 40 2.42 -18.70 -14.39
CA ALA A 40 3.45 -18.04 -15.18
C ALA A 40 3.19 -16.54 -15.29
N TYR A 41 1.94 -16.15 -15.51
CA TYR A 41 1.58 -14.73 -15.56
C TYR A 41 1.96 -14.02 -14.26
N PHE A 42 1.68 -14.67 -13.12
CA PHE A 42 1.98 -14.05 -11.83
C PHE A 42 3.49 -13.86 -11.64
N ILE A 43 4.30 -14.86 -12.02
CA ILE A 43 5.76 -14.68 -11.97
C ILE A 43 6.16 -13.49 -12.84
N ALA A 44 5.61 -13.43 -14.06
CA ALA A 44 6.04 -12.43 -15.03
C ALA A 44 5.71 -11.01 -14.57
N ILE A 45 4.62 -10.80 -13.82
CA ILE A 45 4.26 -9.45 -13.38
C ILE A 45 4.78 -9.12 -11.98
N MET A 46 5.52 -10.03 -11.34
CA MET A 46 5.83 -9.85 -9.92
C MET A 46 6.57 -8.54 -9.67
N PHE A 47 7.65 -8.29 -10.42
CA PHE A 47 8.43 -7.09 -10.14
C PHE A 47 7.66 -5.82 -10.47
N PRO A 48 7.06 -5.67 -11.66
CA PRO A 48 6.27 -4.44 -11.89
C PRO A 48 5.12 -4.27 -10.91
N PHE A 49 4.45 -5.36 -10.55
CA PHE A 49 3.42 -5.27 -9.51
C PHE A 49 4.00 -4.68 -8.23
N PHE A 50 5.15 -5.22 -7.80
CA PHE A 50 5.83 -4.70 -6.61
C PHE A 50 6.12 -3.22 -6.73
N LEU A 51 6.65 -2.80 -7.88
CA LEU A 51 7.02 -1.39 -8.08
C LEU A 51 5.80 -0.49 -7.99
N ARG A 52 4.71 -0.87 -8.67
CA ARG A 52 3.50 -0.06 -8.61
C ARG A 52 2.97 0.04 -7.19
N LYS A 53 3.00 -1.07 -6.46
CA LYS A 53 2.51 -1.07 -5.08
C LYS A 53 3.31 -0.09 -4.23
N VAL A 54 4.64 -0.23 -4.22
CA VAL A 54 5.45 0.55 -3.30
C VAL A 54 5.48 2.02 -3.71
N PHE A 55 5.48 2.30 -5.02
CA PHE A 55 5.39 3.68 -5.47
C PHE A 55 4.04 4.29 -5.11
N GLY A 56 2.97 3.49 -5.18
CA GLY A 56 1.66 3.99 -4.79
C GLY A 56 1.56 4.33 -3.31
N GLU A 57 2.49 3.83 -2.51
CA GLU A 57 2.52 4.12 -1.08
C GLU A 57 3.59 5.16 -0.71
N GLY A 58 4.21 5.80 -1.71
CA GLY A 58 5.09 6.93 -1.47
C GLY A 58 6.58 6.68 -1.67
N ALA A 59 6.98 5.49 -2.13
CA ALA A 59 8.41 5.19 -2.22
C ALA A 59 9.13 5.99 -3.30
N MET A 60 8.39 6.69 -4.18
CA MET A 60 9.01 7.64 -5.10
C MET A 60 8.85 9.09 -4.63
N SER A 61 7.65 9.46 -4.18
CA SER A 61 7.39 10.85 -3.81
C SER A 61 8.20 11.29 -2.61
N SER A 62 8.54 10.38 -1.69
CA SER A 62 9.25 10.77 -0.47
C SER A 62 10.55 11.50 -0.77
N ALA A 63 11.25 11.08 -1.82
CA ALA A 63 12.47 11.77 -2.24
C ALA A 63 12.21 12.82 -3.31
N PHE A 64 11.24 12.58 -4.20
CA PHE A 64 11.02 13.49 -5.31
C PHE A 64 10.39 14.81 -4.86
N VAL A 65 9.35 14.73 -4.03
CA VAL A 65 8.50 15.89 -3.75
C VAL A 65 9.27 16.96 -2.98
N PRO A 66 9.99 16.63 -1.90
CA PRO A 66 10.69 17.70 -1.17
C PRO A 66 11.76 18.40 -1.99
N LEU A 67 12.43 17.68 -2.90
CA LEU A 67 13.42 18.32 -3.75
C LEU A 67 12.76 19.10 -4.89
N TYR A 68 11.67 18.57 -5.43
CA TYR A 68 10.96 19.23 -6.51
C TYR A 68 10.25 20.48 -6.03
N SER A 69 9.60 20.41 -4.87
CA SER A 69 8.75 21.51 -4.42
C SER A 69 9.55 22.73 -4.00
N GLU A 70 10.80 22.55 -3.57
CA GLU A 70 11.62 23.65 -3.10
C GLU A 70 12.36 24.37 -4.22
N LYS A 71 12.21 23.91 -5.46
CA LYS A 71 12.85 24.50 -6.62
C LYS A 71 11.80 25.21 -7.46
N SER A 72 12.25 26.09 -8.36
CA SER A 72 11.33 26.81 -9.22
C SER A 72 11.96 27.05 -10.58
N GLY A 73 11.10 27.27 -11.57
CA GLY A 73 11.56 27.64 -12.90
C GLY A 73 12.51 26.63 -13.50
N GLU A 74 13.60 27.15 -14.06
CA GLU A 74 14.59 26.31 -14.75
C GLU A 74 15.11 25.20 -13.84
N GLU A 75 15.39 25.54 -12.58
CA GLU A 75 15.90 24.55 -11.65
C GLU A 75 14.94 23.37 -11.50
N LYS A 76 13.67 23.67 -11.31
CA LYS A 76 12.64 22.64 -11.19
C LYS A 76 12.63 21.74 -12.42
N ASP A 77 12.67 22.34 -13.61
CA ASP A 77 12.67 21.55 -14.84
C ASP A 77 13.90 20.66 -14.94
N LYS A 78 15.07 21.20 -14.60
CA LYS A 78 16.30 20.43 -14.72
C LYS A 78 16.34 19.30 -13.70
N PHE A 79 15.77 19.50 -12.51
CA PHE A 79 15.67 18.42 -11.54
C PHE A 79 14.79 17.29 -12.07
N LEU A 80 13.59 17.62 -12.52
CA LEU A 80 12.70 16.62 -13.07
C LEU A 80 13.37 15.84 -14.20
N SER A 81 14.07 16.56 -15.08
CA SER A 81 14.76 15.90 -16.19
C SER A 81 15.86 14.97 -15.68
N SER A 82 16.62 15.40 -14.67
CA SER A 82 17.67 14.56 -14.13
C SER A 82 17.10 13.25 -13.59
N VAL A 83 15.96 13.32 -12.90
CA VAL A 83 15.36 12.11 -12.33
C VAL A 83 14.86 11.19 -13.43
N ILE A 84 14.13 11.74 -14.41
CA ILE A 84 13.65 10.93 -15.53
C ILE A 84 14.82 10.29 -16.28
N ASN A 85 15.82 11.11 -16.62
CA ASN A 85 16.94 10.61 -17.42
C ASN A 85 17.71 9.54 -16.66
N GLY A 86 18.00 9.80 -15.37
CA GLY A 86 18.75 8.83 -14.59
C GLY A 86 18.05 7.49 -14.51
N PHE A 87 16.76 7.50 -14.18
CA PHE A 87 16.03 6.24 -14.05
C PHE A 87 15.77 5.60 -15.41
N SER A 88 15.59 6.40 -16.46
CA SER A 88 15.42 5.83 -17.79
C SER A 88 16.64 5.01 -18.20
N LEU A 89 17.84 5.51 -17.91
CA LEU A 89 19.05 4.76 -18.18
C LEU A 89 19.08 3.45 -17.40
N ILE A 90 18.77 3.50 -16.11
CA ILE A 90 18.74 2.30 -15.29
C ILE A 90 17.71 1.32 -15.82
N ILE A 91 16.51 1.82 -16.11
CA ILE A 91 15.42 0.95 -16.54
C ILE A 91 15.75 0.31 -17.89
N LEU A 92 16.35 1.09 -18.80
CA LEU A 92 16.79 0.53 -20.07
C LEU A 92 17.71 -0.67 -19.85
N ALA A 93 18.70 -0.49 -18.97
CA ALA A 93 19.61 -1.60 -18.66
C ALA A 93 18.85 -2.79 -18.11
N LEU A 94 17.92 -2.57 -17.18
CA LEU A 94 17.17 -3.66 -16.60
C LEU A 94 16.34 -4.40 -17.64
N VAL A 95 15.65 -3.67 -18.51
CA VAL A 95 14.83 -4.33 -19.53
C VAL A 95 15.71 -5.11 -20.51
N ILE A 96 16.84 -4.53 -20.92
CA ILE A 96 17.73 -5.25 -21.81
C ILE A 96 18.25 -6.51 -21.15
N LEU A 97 18.64 -6.40 -19.87
CA LEU A 97 19.12 -7.57 -19.14
C LEU A 97 18.04 -8.66 -19.09
N SER A 98 16.80 -8.27 -18.82
CA SER A 98 15.73 -9.26 -18.75
C SER A 98 15.51 -9.96 -20.08
N TYR A 99 15.76 -9.26 -21.20
CA TYR A 99 15.62 -9.87 -22.51
C TYR A 99 16.77 -10.82 -22.82
N PHE A 100 17.95 -10.58 -22.27
CA PHE A 100 19.10 -11.42 -22.56
C PHE A 100 19.26 -12.55 -21.54
N PHE A 101 18.78 -12.37 -20.32
CA PHE A 101 18.93 -13.36 -19.26
C PHE A 101 17.58 -13.68 -18.61
N PRO A 102 16.57 -14.02 -19.42
CA PRO A 102 15.26 -14.33 -18.82
C PRO A 102 15.29 -15.52 -17.89
N GLU A 103 16.10 -16.54 -18.15
CA GLU A 103 16.19 -17.68 -17.25
C GLU A 103 16.66 -17.24 -15.87
N LEU A 104 17.69 -16.39 -15.81
CA LEU A 104 18.13 -15.86 -14.52
C LEU A 104 17.02 -15.12 -13.81
N ILE A 105 16.32 -14.23 -14.52
CA ILE A 105 15.26 -13.43 -13.90
C ILE A 105 14.17 -14.34 -13.35
N ILE A 106 13.71 -15.29 -14.16
CA ILE A 106 12.61 -16.16 -13.74
C ILE A 106 13.06 -17.09 -12.62
N ASN A 107 14.31 -17.58 -12.70
CA ASN A 107 14.83 -18.38 -11.59
C ASN A 107 14.86 -17.58 -10.30
N LEU A 108 15.05 -16.25 -10.39
CA LEU A 108 15.05 -15.42 -9.20
C LEU A 108 13.64 -15.22 -8.67
N PHE A 109 12.71 -14.80 -9.53
CA PHE A 109 11.36 -14.47 -9.11
C PHE A 109 10.42 -15.67 -9.08
N GLY A 110 10.78 -16.77 -9.74
CA GLY A 110 9.89 -17.92 -9.81
C GLY A 110 10.46 -19.16 -9.15
N ALA A 111 11.32 -18.97 -8.16
CA ALA A 111 11.93 -20.10 -7.47
C ALA A 111 10.85 -21.04 -6.91
N GLY A 112 11.05 -22.33 -7.11
CA GLY A 112 10.12 -23.33 -6.66
C GLY A 112 8.99 -23.64 -7.62
N SER A 113 8.82 -22.84 -8.67
CA SER A 113 7.77 -23.10 -9.65
C SER A 113 8.19 -24.24 -10.58
N SER A 114 7.19 -24.87 -11.19
CA SER A 114 7.45 -26.02 -12.04
C SER A 114 8.20 -25.59 -13.30
N HIS A 115 8.80 -26.58 -13.97
CA HIS A 115 9.56 -26.31 -15.19
C HIS A 115 8.69 -25.65 -16.24
N GLU A 116 7.53 -26.24 -16.53
CA GLU A 116 6.66 -25.70 -17.57
C GLU A 116 6.19 -24.28 -17.23
N THR A 117 6.00 -23.96 -15.95
CA THR A 117 5.64 -22.60 -15.57
C THR A 117 6.79 -21.63 -15.87
N LYS A 118 8.02 -22.02 -15.52
CA LYS A 118 9.16 -21.14 -15.76
C LYS A 118 9.38 -20.91 -17.25
N ILE A 119 9.25 -21.96 -18.06
CA ILE A 119 9.45 -21.82 -19.50
C ILE A 119 8.48 -20.80 -20.08
N LEU A 120 7.22 -20.85 -19.65
CA LEU A 120 6.24 -19.90 -20.15
C LEU A 120 6.50 -18.50 -19.60
N ALA A 121 6.85 -18.40 -18.31
CA ALA A 121 7.10 -17.10 -17.72
C ALA A 121 8.23 -16.36 -18.43
N LYS A 122 9.24 -17.08 -18.92
CA LYS A 122 10.33 -16.46 -19.67
C LYS A 122 9.81 -15.76 -20.92
N LYS A 123 8.78 -16.31 -21.57
CA LYS A 123 8.20 -15.68 -22.74
C LYS A 123 7.37 -14.46 -22.34
N LEU A 124 6.52 -14.62 -21.33
CA LEU A 124 5.66 -13.51 -20.91
C LEU A 124 6.49 -12.35 -20.37
N LEU A 125 7.65 -12.64 -19.79
CA LEU A 125 8.54 -11.59 -19.30
C LEU A 125 8.84 -10.55 -20.38
N LEU A 126 8.91 -10.96 -21.64
CA LEU A 126 9.20 -10.02 -22.71
C LEU A 126 8.11 -8.97 -22.83
N ILE A 127 6.87 -9.31 -22.47
CA ILE A 127 5.76 -8.37 -22.51
C ILE A 127 5.69 -7.53 -21.24
N THR A 128 5.96 -8.13 -20.08
CA THR A 128 5.76 -7.41 -18.81
C THR A 128 6.96 -6.54 -18.45
N SER A 129 8.17 -6.94 -18.85
CA SER A 129 9.35 -6.20 -18.44
C SER A 129 9.29 -4.73 -18.82
N PRO A 130 8.91 -4.36 -20.05
CA PRO A 130 8.88 -2.92 -20.39
C PRO A 130 7.90 -2.11 -19.55
N SER A 131 6.94 -2.76 -18.88
CA SER A 131 5.98 -2.01 -18.05
C SER A 131 6.66 -1.21 -16.95
N ILE A 132 7.86 -1.61 -16.50
CA ILE A 132 8.48 -0.89 -15.39
C ILE A 132 8.84 0.53 -15.81
N TYR A 133 9.12 0.75 -17.09
CA TYR A 133 9.35 2.11 -17.58
C TYR A 133 8.12 2.98 -17.37
N PHE A 134 6.95 2.48 -17.74
CA PHE A 134 5.73 3.27 -17.63
C PHE A 134 5.26 3.37 -16.18
N ILE A 135 5.62 2.39 -15.35
CA ILE A 135 5.29 2.47 -13.93
C ILE A 135 6.12 3.56 -13.27
N PHE A 136 7.41 3.67 -13.63
CA PHE A 136 8.25 4.72 -13.07
C PHE A 136 7.75 6.10 -13.45
N LEU A 137 7.43 6.31 -14.73
CA LEU A 137 6.93 7.61 -15.18
C LEU A 137 5.60 7.93 -14.53
N TRP A 138 4.71 6.94 -14.40
CA TRP A 138 3.47 7.13 -13.68
C TRP A 138 3.73 7.61 -12.26
N ALA A 139 4.74 7.03 -11.59
CA ALA A 139 5.04 7.41 -10.22
C ALA A 139 5.54 8.85 -10.12
N ILE A 140 6.28 9.32 -11.14
CA ILE A 140 6.74 10.70 -11.13
C ILE A 140 5.58 11.66 -11.32
N SER A 141 4.71 11.37 -12.29
CA SER A 141 3.49 12.18 -12.48
C SER A 141 2.65 12.18 -11.21
N TYR A 142 2.45 11.01 -10.62
CA TYR A 142 1.74 10.88 -9.36
C TYR A 142 2.32 11.83 -8.32
N SER A 143 3.65 11.83 -8.17
CA SER A 143 4.30 12.71 -7.20
C SER A 143 4.01 14.17 -7.48
N ILE A 144 4.06 14.57 -8.77
CA ILE A 144 3.82 15.96 -9.12
C ILE A 144 2.39 16.37 -8.77
N LEU A 145 1.43 15.51 -9.08
CA LEU A 145 0.04 15.81 -8.72
C LEU A 145 -0.13 15.95 -7.21
N ASN A 146 0.53 15.08 -6.43
CA ASN A 146 0.48 15.21 -4.98
C ASN A 146 1.02 16.56 -4.53
N THR A 147 2.12 17.01 -5.14
CA THR A 147 2.69 18.30 -4.76
C THR A 147 1.66 19.41 -4.92
N ASN A 148 0.74 19.26 -5.86
CA ASN A 148 -0.33 20.23 -6.10
C ASN A 148 -1.60 19.88 -5.32
N ASN A 149 -1.50 19.03 -4.30
CA ASN A 149 -2.62 18.71 -3.41
C ASN A 149 -3.72 17.94 -4.13
N LYS A 150 -3.36 17.11 -5.10
CA LYS A 150 -4.29 16.26 -5.83
C LYS A 150 -4.02 14.81 -5.47
N PHE A 151 -5.04 14.12 -4.94
CA PHE A 151 -4.85 12.77 -4.43
C PHE A 151 -5.89 11.79 -4.94
N PHE A 152 -7.12 12.26 -5.17
CA PHE A 152 -8.18 11.37 -5.60
C PHE A 152 -7.85 10.74 -6.95
N TRP A 153 -7.61 11.59 -7.97
CA TRP A 153 -7.40 11.05 -9.31
C TRP A 153 -6.14 10.21 -9.40
N PRO A 154 -4.99 10.61 -8.86
CA PRO A 154 -3.83 9.69 -8.86
C PRO A 154 -4.15 8.33 -8.25
N ALA A 155 -4.85 8.29 -7.11
CA ALA A 155 -5.14 7.02 -6.47
C ALA A 155 -6.18 6.21 -7.23
N LEU A 156 -6.93 6.83 -8.14
CA LEU A 156 -7.89 6.10 -8.97
C LEU A 156 -7.24 5.45 -10.18
N THR A 157 -6.07 5.93 -10.60
CA THR A 157 -5.51 5.48 -11.87
C THR A 157 -5.25 3.97 -11.96
N PRO A 158 -4.92 3.25 -10.89
CA PRO A 158 -4.79 1.79 -11.05
C PRO A 158 -6.04 1.14 -11.61
N SER A 159 -7.20 1.74 -11.43
CA SER A 159 -8.43 1.25 -12.05
C SER A 159 -8.22 1.02 -13.53
N ILE A 160 -7.44 1.88 -14.18
CA ILE A 160 -7.21 1.76 -15.62
C ILE A 160 -6.59 0.42 -15.95
N SER A 161 -5.53 0.05 -15.22
CA SER A 161 -4.85 -1.21 -15.50
C SER A 161 -5.74 -2.40 -15.18
N ASN A 162 -6.48 -2.33 -14.06
CA ASN A 162 -7.40 -3.41 -13.73
C ASN A 162 -8.42 -3.62 -14.84
N ILE A 163 -8.93 -2.54 -15.42
CA ILE A 163 -9.92 -2.65 -16.49
C ILE A 163 -9.30 -3.30 -17.72
N THR A 164 -8.08 -2.87 -18.10
CA THR A 164 -7.44 -3.45 -19.28
C THR A 164 -7.13 -4.93 -19.07
N ILE A 165 -6.74 -5.32 -17.85
CA ILE A 165 -6.48 -6.74 -17.58
C ILE A 165 -7.78 -7.54 -17.62
N ILE A 166 -8.85 -6.99 -17.04
CA ILE A 166 -10.16 -7.64 -17.11
C ILE A 166 -10.54 -7.88 -18.57
N ILE A 167 -10.36 -6.87 -19.42
CA ILE A 167 -10.65 -7.02 -20.84
C ILE A 167 -9.80 -8.14 -21.44
N GLY A 168 -8.48 -8.11 -21.17
CA GLY A 168 -7.62 -9.15 -21.68
C GLY A 168 -8.03 -10.53 -21.21
N THR A 169 -8.52 -10.61 -19.98
CA THR A 169 -8.99 -11.90 -19.45
C THR A 169 -10.24 -12.36 -20.18
N PHE A 170 -11.21 -11.47 -20.39
CA PHE A 170 -12.38 -11.81 -21.19
C PHE A 170 -11.96 -12.35 -22.55
N LEU A 171 -10.93 -11.74 -23.16
CA LEU A 171 -10.47 -12.15 -24.48
C LEU A 171 -9.56 -13.38 -24.46
N SER A 172 -9.28 -13.94 -23.28
CA SER A 172 -8.37 -15.08 -23.22
C SER A 172 -8.97 -16.36 -23.81
N THR A 173 -10.30 -16.44 -23.93
CA THR A 173 -10.88 -17.63 -24.56
C THR A 173 -10.38 -17.77 -25.98
N LYS A 174 -10.22 -16.65 -26.69
CA LYS A 174 -9.69 -16.70 -28.05
C LYS A 174 -8.17 -16.73 -28.07
N TYR A 175 -7.51 -15.97 -27.18
CA TYR A 175 -6.08 -15.72 -27.30
C TYR A 175 -5.22 -16.38 -26.21
N GLY A 176 -5.81 -16.86 -25.13
CA GLY A 176 -5.03 -17.52 -24.11
C GLY A 176 -4.35 -16.54 -23.16
N ILE A 177 -3.29 -17.04 -22.48
CA ILE A 177 -2.69 -16.31 -21.39
C ILE A 177 -1.97 -15.05 -21.85
N ILE A 178 -1.55 -14.97 -23.11
CA ILE A 178 -0.90 -13.76 -23.59
C ILE A 178 -1.85 -12.57 -23.52
N SER A 179 -3.16 -12.83 -23.50
CA SER A 179 -4.13 -11.74 -23.56
C SER A 179 -4.12 -10.90 -22.29
N PRO A 180 -4.28 -11.48 -21.10
CA PRO A 180 -4.12 -10.65 -19.89
C PRO A 180 -2.70 -10.12 -19.72
N THR A 181 -1.70 -10.84 -20.22
CA THR A 181 -0.32 -10.34 -20.14
C THR A 181 -0.18 -9.03 -20.91
N ILE A 182 -0.68 -9.00 -22.15
CA ILE A 182 -0.67 -7.76 -22.92
C ILE A 182 -1.56 -6.71 -22.23
N GLY A 183 -2.68 -7.15 -21.66
CA GLY A 183 -3.51 -6.22 -20.90
C GLY A 183 -2.76 -5.55 -19.77
N PHE A 184 -1.86 -6.29 -19.11
CA PHE A 184 -1.05 -5.70 -18.05
C PHE A 184 -0.12 -4.62 -18.60
N LEU A 185 0.56 -4.92 -19.71
CA LEU A 185 1.45 -3.93 -20.31
C LEU A 185 0.66 -2.71 -20.78
N ILE A 186 -0.42 -2.93 -21.51
CA ILE A 186 -1.24 -1.82 -21.98
C ILE A 186 -1.76 -1.02 -20.81
N GLY A 187 -2.15 -1.70 -19.73
CA GLY A 187 -2.61 -0.99 -18.55
C GLY A 187 -1.57 -0.04 -18.00
N SER A 188 -0.32 -0.48 -17.93
CA SER A 188 0.74 0.38 -17.41
C SER A 188 0.93 1.60 -18.30
N ILE A 189 0.82 1.41 -19.61
CA ILE A 189 0.98 2.52 -20.56
C ILE A 189 -0.15 3.53 -20.38
N LEU A 190 -1.38 3.04 -20.30
CA LEU A 190 -2.53 3.94 -20.20
C LEU A 190 -2.59 4.64 -18.86
N MET A 191 -2.13 3.99 -17.79
CA MET A 191 -2.06 4.66 -16.50
C MET A 191 -1.16 5.89 -16.58
N PHE A 192 0.00 5.74 -17.21
CA PHE A 192 0.91 6.88 -17.34
C PHE A 192 0.31 7.95 -18.24
N PHE A 193 -0.20 7.55 -19.41
CA PHE A 193 -0.80 8.53 -20.32
C PHE A 193 -1.91 9.33 -19.65
N SER A 194 -2.67 8.70 -18.74
CA SER A 194 -3.79 9.42 -18.12
C SER A 194 -3.31 10.62 -17.32
N ILE A 195 -2.06 10.62 -16.85
CA ILE A 195 -1.54 11.74 -16.07
C ILE A 195 -0.24 12.26 -16.66
N ILE A 196 -0.05 12.08 -17.97
CA ILE A 196 1.18 12.50 -18.62
C ILE A 196 1.37 14.02 -18.56
N LYS A 197 0.28 14.78 -18.49
CA LYS A 197 0.38 16.23 -18.53
C LYS A 197 1.28 16.75 -17.41
N SER A 198 1.26 16.09 -16.25
CA SER A 198 2.05 16.58 -15.12
C SER A 198 3.53 16.62 -15.45
N ILE A 199 4.01 15.68 -16.26
CA ILE A 199 5.42 15.69 -16.66
C ILE A 199 5.63 16.66 -17.82
N ILE A 200 4.89 16.49 -18.92
CA ILE A 200 5.22 17.21 -20.15
C ILE A 200 4.84 18.67 -20.10
N LYS A 201 4.25 19.16 -19.01
CA LYS A 201 4.09 20.61 -18.86
C LYS A 201 5.42 21.30 -18.57
N HIS A 202 6.46 20.53 -18.20
CA HIS A 202 7.79 21.06 -17.99
C HIS A 202 8.61 21.03 -19.26
N LYS A 203 9.64 21.86 -19.30
CA LYS A 203 10.63 21.80 -20.37
C LYS A 203 11.64 20.71 -20.08
N TYR A 204 12.04 19.99 -21.12
CA TYR A 204 12.96 18.87 -20.98
C TYR A 204 14.40 19.33 -21.21
N TYR A 205 15.32 18.79 -20.41
CA TYR A 205 16.74 19.06 -20.56
C TYR A 205 17.53 17.76 -20.58
N PHE A 206 18.58 17.73 -21.39
CA PHE A 206 19.50 16.60 -21.46
C PHE A 206 20.50 16.74 -20.32
N THR A 207 20.06 16.40 -19.10
CA THR A 207 20.90 16.53 -17.92
C THR A 207 20.63 15.38 -16.96
N ILE A 208 21.63 15.09 -16.13
CA ILE A 208 21.50 14.15 -15.02
C ILE A 208 22.15 14.77 -13.78
N LYS A 209 22.39 16.08 -13.82
CA LYS A 209 23.19 16.73 -12.79
C LYS A 209 22.60 16.54 -11.40
N HIS A 210 21.28 16.56 -11.27
CA HIS A 210 20.65 16.40 -9.96
C HIS A 210 20.45 14.95 -9.56
N PHE A 211 20.77 13.99 -10.42
CA PHE A 211 20.38 12.61 -10.13
C PHE A 211 21.14 12.05 -8.94
N PRO A 212 22.44 12.35 -8.78
CA PRO A 212 23.15 11.80 -7.61
C PRO A 212 22.56 12.28 -6.29
N HIS A 213 22.23 13.56 -6.17
CA HIS A 213 21.65 14.04 -4.91
C HIS A 213 20.27 13.45 -4.68
N PHE A 214 19.48 13.29 -5.75
CA PHE A 214 18.20 12.62 -5.60
C PHE A 214 18.37 11.21 -5.06
N LEU A 215 19.35 10.46 -5.59
CA LEU A 215 19.57 9.09 -5.14
C LEU A 215 19.96 9.05 -3.67
N LYS A 216 20.67 10.06 -3.19
CA LYS A 216 21.03 10.12 -1.78
C LYS A 216 19.79 10.08 -0.88
N LEU A 217 18.70 10.70 -1.32
CA LEU A 217 17.45 10.66 -0.58
C LEU A 217 16.61 9.45 -0.96
N PHE A 218 16.66 9.01 -2.22
CA PHE A 218 15.81 7.94 -2.68
C PHE A 218 16.12 6.62 -1.98
N PHE A 219 17.40 6.30 -1.80
CA PHE A 219 17.76 5.02 -1.19
C PHE A 219 17.15 4.86 0.19
N PRO A 220 17.40 5.75 1.16
CA PRO A 220 16.82 5.53 2.49
C PRO A 220 15.31 5.66 2.53
N THR A 221 14.72 6.58 1.76
CA THR A 221 13.27 6.74 1.82
C THR A 221 12.56 5.55 1.19
N PHE A 222 13.09 5.02 0.08
CA PHE A 222 12.54 3.81 -0.51
C PHE A 222 12.56 2.66 0.50
N MET A 223 13.70 2.45 1.16
CA MET A 223 13.80 1.37 2.13
C MET A 223 12.83 1.58 3.28
N THR A 224 12.65 2.83 3.70
CA THR A 224 11.72 3.12 4.79
C THR A 224 10.27 2.80 4.39
N MET A 225 9.88 3.17 3.18
CA MET A 225 8.50 2.98 2.74
C MET A 225 8.19 1.55 2.30
N VAL A 226 9.19 0.69 2.11
CA VAL A 226 8.94 -0.70 1.70
C VAL A 226 9.07 -1.67 2.87
N VAL A 227 9.16 -1.16 4.10
CA VAL A 227 9.46 -2.06 5.22
C VAL A 227 8.38 -3.13 5.38
N SER A 228 7.12 -2.78 5.12
CA SER A 228 6.06 -3.77 5.26
C SER A 228 6.13 -4.84 4.18
N GLN A 229 6.59 -4.48 2.97
CA GLN A 229 6.87 -5.51 1.96
C GLN A 229 7.97 -6.46 2.44
N ILE A 230 9.00 -5.91 3.09
CA ILE A 230 10.06 -6.75 3.65
C ILE A 230 9.49 -7.67 4.72
N ASN A 231 8.69 -7.11 5.64
CA ASN A 231 8.11 -7.92 6.70
C ASN A 231 7.30 -9.08 6.13
N THR A 232 6.56 -8.84 5.05
CA THR A 232 5.76 -9.89 4.43
C THR A 232 6.65 -11.00 3.89
N VAL A 233 7.71 -10.63 3.16
CA VAL A 233 8.63 -11.64 2.63
C VAL A 233 9.27 -12.42 3.77
N VAL A 234 9.70 -11.72 4.82
CA VAL A 234 10.31 -12.39 5.96
C VAL A 234 9.31 -13.34 6.61
N ASP A 235 8.11 -12.85 6.89
CA ASP A 235 7.09 -13.70 7.51
C ASP A 235 6.84 -14.96 6.69
N MET A 236 6.66 -14.80 5.37
CA MET A 236 6.36 -15.95 4.51
C MET A 236 7.48 -16.99 4.59
N ASN A 237 8.73 -16.55 4.52
CA ASN A 237 9.84 -17.50 4.50
C ASN A 237 10.02 -18.17 5.86
N VAL A 238 9.77 -17.46 6.95
CA VAL A 238 9.88 -18.08 8.27
C VAL A 238 8.79 -19.14 8.44
N VAL A 239 7.55 -18.81 8.07
CA VAL A 239 6.46 -19.78 8.19
C VAL A 239 6.71 -20.96 7.27
N SER A 240 7.17 -20.70 6.04
CA SER A 240 7.50 -21.79 5.13
C SER A 240 8.60 -22.67 5.69
N PHE A 241 9.54 -22.07 6.43
CA PHE A 241 10.64 -22.85 7.00
C PHE A 241 10.17 -23.68 8.19
N TYR A 242 9.37 -23.09 9.08
CA TYR A 242 8.99 -23.77 10.31
C TYR A 242 7.80 -24.70 10.11
N ASP A 243 6.84 -24.32 9.27
CA ASP A 243 5.62 -25.13 9.13
C ASP A 243 5.04 -24.90 7.73
N LYS A 244 5.47 -25.74 6.79
CA LYS A 244 4.93 -25.71 5.43
C LYS A 244 3.40 -25.65 5.44
N GLY A 245 2.77 -26.49 6.26
CA GLY A 245 1.32 -26.65 6.21
C GLY A 245 0.54 -25.39 6.52
N SER A 246 1.18 -24.38 7.09
CA SER A 246 0.50 -23.16 7.51
C SER A 246 0.64 -22.01 6.52
N ILE A 247 1.38 -22.19 5.42
CA ILE A 247 1.72 -21.04 4.59
C ILE A 247 0.47 -20.47 3.91
N SER A 248 -0.51 -21.31 3.57
CA SER A 248 -1.70 -20.80 2.90
C SER A 248 -2.54 -19.95 3.82
N TYR A 249 -2.66 -20.34 5.09
CA TYR A 249 -3.37 -19.51 6.07
C TYR A 249 -2.74 -18.13 6.15
N LEU A 250 -1.40 -18.07 6.26
CA LEU A 250 -0.72 -16.79 6.32
C LEU A 250 -0.95 -15.98 5.05
N GLN A 251 -0.89 -16.65 3.90
CA GLN A 251 -1.10 -15.96 2.63
C GLN A 251 -2.50 -15.36 2.54
N TYR A 252 -3.52 -16.13 2.92
CA TYR A 252 -4.88 -15.64 2.83
C TYR A 252 -5.10 -14.47 3.77
N ALA A 253 -4.61 -14.57 5.02
CA ALA A 253 -4.76 -13.47 5.96
C ALA A 253 -4.05 -12.22 5.45
N SER A 254 -2.81 -12.39 4.97
CA SER A 254 -2.04 -11.25 4.46
C SER A 254 -2.75 -10.62 3.27
N ARG A 255 -3.23 -11.44 2.34
CA ARG A 255 -3.88 -10.91 1.14
C ARG A 255 -5.02 -9.98 1.49
N PHE A 256 -5.89 -10.39 2.42
CA PHE A 256 -6.96 -9.48 2.82
C PHE A 256 -6.41 -8.26 3.54
N TYR A 257 -5.45 -8.46 4.45
CA TYR A 257 -4.94 -7.36 5.24
C TYR A 257 -4.41 -6.24 4.37
N LEU A 258 -3.99 -6.55 3.15
CA LEU A 258 -3.53 -5.51 2.23
C LEU A 258 -4.61 -4.46 1.97
N LEU A 259 -5.89 -4.84 2.06
CA LEU A 259 -6.94 -3.86 1.80
C LEU A 259 -6.97 -2.77 2.88
N PRO A 260 -7.24 -3.08 4.15
CA PRO A 260 -7.23 -1.99 5.16
C PRO A 260 -5.89 -1.29 5.28
N TYR A 261 -4.78 -2.00 5.07
CA TYR A 261 -3.47 -1.34 5.09
C TYR A 261 -3.42 -0.24 4.04
N GLY A 262 -3.79 -0.57 2.80
CA GLY A 262 -3.74 0.41 1.72
C GLY A 262 -4.77 1.51 1.84
N LEU A 263 -5.91 1.22 2.47
CA LEU A 263 -6.93 2.24 2.64
C LEU A 263 -6.60 3.19 3.78
N PHE A 264 -6.04 2.66 4.88
CA PHE A 264 -5.97 3.40 6.13
C PHE A 264 -4.57 3.57 6.71
N ALA A 265 -3.60 2.73 6.35
CA ALA A 265 -2.27 2.89 6.91
C ALA A 265 -1.39 3.87 6.14
N VAL A 266 -1.71 4.15 4.87
CA VAL A 266 -0.82 4.96 4.04
C VAL A 266 -1.57 6.11 3.38
N SER A 267 -2.79 6.40 3.85
CA SER A 267 -3.55 7.50 3.28
C SER A 267 -3.07 8.84 3.79
N VAL A 268 -3.14 9.05 5.10
CA VAL A 268 -2.65 10.29 5.69
C VAL A 268 -1.17 10.48 5.40
N SER A 269 -0.38 9.40 5.52
CA SER A 269 1.06 9.52 5.30
C SER A 269 1.37 9.98 3.88
N THR A 270 0.55 9.60 2.91
CA THR A 270 0.72 10.13 1.56
C THR A 270 0.43 11.62 1.53
N VAL A 271 -0.64 12.05 2.21
CA VAL A 271 -1.08 13.45 2.14
C VAL A 271 -0.12 14.36 2.90
N VAL A 272 0.38 13.91 4.05
CA VAL A 272 1.12 14.82 4.92
C VAL A 272 2.42 15.28 4.27
N LEU A 273 2.99 14.48 3.38
CA LEU A 273 4.28 14.85 2.78
C LEU A 273 4.20 16.20 2.12
N SER A 274 3.28 16.38 1.18
CA SER A 274 3.19 17.64 0.45
C SER A 274 2.68 18.77 1.36
N LYS A 275 1.83 18.45 2.32
CA LYS A 275 1.38 19.45 3.28
C LYS A 275 2.56 20.12 3.98
N ILE A 276 3.49 19.30 4.50
CA ILE A 276 4.63 19.83 5.22
C ILE A 276 5.68 20.37 4.26
N SER A 277 5.91 19.68 3.15
CA SER A 277 6.92 20.12 2.20
C SER A 277 6.64 21.53 1.70
N ASN A 278 5.37 21.89 1.55
CA ASN A 278 4.99 23.21 1.08
C ASN A 278 4.86 24.23 2.22
N ASP A 279 5.07 23.82 3.46
CA ASP A 279 4.89 24.69 4.62
C ASP A 279 5.77 24.15 5.75
N ARG A 280 7.09 24.14 5.54
CA ARG A 280 7.99 23.37 6.38
C ARG A 280 8.13 23.97 7.78
N LYS A 281 7.93 25.27 7.93
CA LYS A 281 8.06 25.89 9.24
C LYS A 281 6.99 25.41 10.21
N ASN A 282 5.88 24.85 9.71
CA ASN A 282 4.81 24.34 10.55
C ASN A 282 4.84 22.81 10.65
N PHE A 283 6.04 22.23 10.63
CA PHE A 283 6.20 20.79 10.74
C PHE A 283 5.39 20.23 11.90
N ASN A 284 5.53 20.82 13.08
CA ASN A 284 4.92 20.22 14.27
C ASN A 284 3.40 20.33 14.25
N TYR A 285 2.87 21.46 13.76
CA TYR A 285 1.41 21.58 13.67
C TYR A 285 0.84 20.56 12.70
N HIS A 286 1.43 20.46 11.50
CA HIS A 286 0.91 19.53 10.50
C HIS A 286 1.10 18.08 10.93
N LEU A 287 2.21 17.77 11.61
CA LEU A 287 2.43 16.41 12.07
C LEU A 287 1.36 16.01 13.08
N ASN A 288 1.10 16.87 14.07
CA ASN A 288 0.06 16.56 15.04
C ASN A 288 -1.29 16.41 14.36
N ASP A 289 -1.62 17.31 13.44
CA ASP A 289 -2.82 17.17 12.62
C ASP A 289 -2.86 15.80 11.95
N ALA A 290 -1.75 15.40 11.32
CA ALA A 290 -1.71 14.12 10.62
C ALA A 290 -1.81 12.95 11.58
N LEU A 291 -1.18 13.04 12.75
CA LEU A 291 -1.30 11.96 13.72
C LEU A 291 -2.75 11.77 14.16
N LYS A 292 -3.45 12.88 14.43
CA LYS A 292 -4.87 12.77 14.77
C LYS A 292 -5.65 12.07 13.68
N THR A 293 -5.44 12.49 12.43
CA THR A 293 -6.18 11.90 11.32
C THR A 293 -5.81 10.44 11.11
N THR A 294 -4.53 10.10 11.28
CA THR A 294 -4.11 8.71 11.16
C THR A 294 -4.86 7.83 12.17
N LEU A 295 -4.93 8.28 13.42
CA LEU A 295 -5.69 7.55 14.42
C LEU A 295 -7.17 7.48 14.07
N PHE A 296 -7.72 8.59 13.59
CA PHE A 296 -9.13 8.63 13.21
C PHE A 296 -9.49 7.53 12.23
N PHE A 297 -8.55 7.17 11.34
CA PHE A 297 -8.79 6.09 10.38
C PHE A 297 -8.54 4.72 10.99
N THR A 298 -7.40 4.55 11.67
CA THR A 298 -6.87 3.22 11.94
C THR A 298 -7.46 2.57 13.19
N ILE A 299 -7.85 3.34 14.20
CA ILE A 299 -8.39 2.76 15.42
C ILE A 299 -9.74 2.11 15.15
N PRO A 300 -10.72 2.82 14.57
CA PRO A 300 -12.01 2.14 14.29
C PRO A 300 -11.90 1.00 13.30
N SER A 301 -11.03 1.11 12.30
CA SER A 301 -10.88 0.03 11.35
C SER A 301 -10.26 -1.20 12.02
N MET A 302 -9.26 -1.00 12.86
CA MET A 302 -8.72 -2.12 13.63
C MET A 302 -9.81 -2.79 14.45
N VAL A 303 -10.59 -1.98 15.17
CA VAL A 303 -11.59 -2.51 16.09
C VAL A 303 -12.65 -3.29 15.31
N GLY A 304 -13.15 -2.71 14.21
CA GLY A 304 -14.21 -3.36 13.47
C GLY A 304 -13.74 -4.58 12.69
N LEU A 305 -12.54 -4.50 12.12
CA LEU A 305 -12.01 -5.62 11.36
C LEU A 305 -11.74 -6.81 12.26
N ILE A 306 -11.24 -6.57 13.47
CA ILE A 306 -11.04 -7.67 14.41
C ILE A 306 -12.37 -8.30 14.79
N PHE A 307 -13.37 -7.48 15.09
CA PHE A 307 -14.67 -8.04 15.46
C PHE A 307 -15.27 -8.84 14.33
N LEU A 308 -15.05 -8.43 13.08
CA LEU A 308 -15.65 -9.08 11.92
C LEU A 308 -14.66 -9.96 11.15
N SER A 309 -13.52 -10.32 11.74
CA SER A 309 -12.50 -11.04 10.98
C SER A 309 -13.00 -12.40 10.52
N THR A 310 -13.70 -13.14 11.37
CA THR A 310 -14.21 -14.44 10.95
C THR A 310 -15.22 -14.31 9.82
N PRO A 311 -16.27 -13.50 9.93
CA PRO A 311 -17.18 -13.35 8.78
C PRO A 311 -16.46 -12.89 7.51
N ILE A 312 -15.41 -12.08 7.65
CA ILE A 312 -14.67 -11.60 6.48
C ILE A 312 -13.91 -12.74 5.80
N ILE A 313 -13.15 -13.51 6.59
CA ILE A 313 -12.44 -14.66 6.03
C ILE A 313 -13.43 -15.64 5.43
N ARG A 314 -14.51 -15.93 6.17
CA ARG A 314 -15.50 -16.89 5.69
C ARG A 314 -16.04 -16.47 4.32
N PHE A 315 -16.36 -15.18 4.16
CA PHE A 315 -16.95 -14.71 2.92
C PHE A 315 -16.01 -14.91 1.75
N PHE A 316 -14.73 -14.58 1.94
CA PHE A 316 -13.80 -14.62 0.82
C PHE A 316 -13.22 -16.01 0.58
N TYR A 317 -13.04 -16.83 1.62
CA TYR A 317 -12.25 -18.06 1.49
C TYR A 317 -12.97 -19.35 1.84
N GLU A 318 -14.05 -19.32 2.63
CA GLU A 318 -14.67 -20.56 3.10
C GLU A 318 -15.53 -21.13 1.98
N HIS A 319 -14.87 -21.76 1.03
CA HIS A 319 -15.51 -22.43 -0.09
C HIS A 319 -14.71 -23.69 -0.42
N GLY A 320 -15.34 -24.59 -1.16
CA GLY A 320 -14.65 -25.82 -1.58
C GLY A 320 -14.14 -26.58 -0.37
N ALA A 321 -12.82 -26.81 -0.34
CA ALA A 321 -12.19 -27.59 0.71
C ALA A 321 -11.71 -26.74 1.88
N PHE A 322 -11.87 -25.42 1.82
CA PHE A 322 -11.52 -24.54 2.91
C PHE A 322 -12.66 -24.55 3.92
N THR A 323 -12.45 -25.17 5.08
CA THR A 323 -13.51 -25.42 6.04
C THR A 323 -13.55 -24.31 7.09
N SER A 324 -14.54 -24.39 7.97
CA SER A 324 -14.62 -23.46 9.08
C SER A 324 -13.40 -23.55 9.99
N LYS A 325 -12.75 -24.72 10.06
CA LYS A 325 -11.53 -24.84 10.84
C LYS A 325 -10.39 -24.04 10.20
N ASP A 326 -10.32 -24.03 8.87
CA ASP A 326 -9.33 -23.21 8.19
C ASP A 326 -9.65 -21.73 8.37
N THR A 327 -10.93 -21.37 8.31
CA THR A 327 -11.34 -20.00 8.58
C THR A 327 -10.88 -19.54 9.96
N LEU A 328 -11.00 -20.41 10.96
CA LEU A 328 -10.66 -20.03 12.33
C LEU A 328 -9.20 -19.63 12.46
N ILE A 329 -8.28 -20.50 12.03
CA ILE A 329 -6.86 -20.17 12.14
C ILE A 329 -6.54 -18.92 11.32
N THR A 330 -7.09 -18.84 10.10
CA THR A 330 -6.80 -17.70 9.24
C THR A 330 -7.29 -16.41 9.86
N SER A 331 -8.49 -16.42 10.46
CA SER A 331 -9.00 -15.20 11.09
C SER A 331 -8.12 -14.79 12.27
N LYS A 332 -7.56 -15.75 13.00
CA LYS A 332 -6.67 -15.40 14.11
C LYS A 332 -5.39 -14.74 13.61
N ILE A 333 -4.84 -15.24 12.49
CA ILE A 333 -3.68 -14.58 11.89
C ILE A 333 -4.04 -13.17 11.48
N LEU A 334 -5.21 -12.99 10.87
CA LEU A 334 -5.64 -11.67 10.44
C LEU A 334 -5.74 -10.72 11.63
N ILE A 335 -6.33 -11.18 12.73
CA ILE A 335 -6.40 -10.37 13.94
C ILE A 335 -4.99 -9.93 14.35
N ALA A 336 -4.05 -10.86 14.34
CA ALA A 336 -2.70 -10.57 14.80
C ALA A 336 -2.06 -9.45 13.98
N TYR A 337 -2.26 -9.50 12.66
CA TYR A 337 -1.79 -8.42 11.79
C TYR A 337 -2.55 -7.12 12.04
N THR A 338 -3.87 -7.22 12.23
CA THR A 338 -4.70 -6.01 12.30
C THR A 338 -4.41 -5.21 13.57
N LEU A 339 -3.98 -5.88 14.64
CA LEU A 339 -3.54 -5.16 15.83
C LEU A 339 -2.41 -4.17 15.52
N GLY A 340 -1.66 -4.41 14.44
CA GLY A 340 -0.57 -3.51 14.09
C GLY A 340 -0.97 -2.32 13.24
N LEU A 341 -2.21 -2.29 12.75
CA LEU A 341 -2.61 -1.28 11.78
C LEU A 341 -2.37 0.15 12.25
N PRO A 342 -2.82 0.57 13.44
CA PRO A 342 -2.56 1.96 13.85
C PRO A 342 -1.07 2.25 14.00
N PHE A 343 -0.28 1.25 14.38
CA PHE A 343 1.15 1.48 14.57
C PHE A 343 1.85 1.68 13.23
N TYR A 344 1.49 0.88 12.22
CA TYR A 344 2.09 1.11 10.90
C TYR A 344 1.54 2.38 10.27
N GLY A 345 0.32 2.78 10.60
CA GLY A 345 -0.16 4.09 10.18
C GLY A 345 0.67 5.22 10.77
N ILE A 346 0.91 5.17 12.08
CA ILE A 346 1.73 6.19 12.74
C ILE A 346 3.14 6.18 12.18
N TYR A 347 3.72 4.99 12.00
CA TYR A 347 5.07 4.89 11.43
C TYR A 347 5.14 5.57 10.08
N SER A 348 4.15 5.32 9.21
CA SER A 348 4.16 5.91 7.87
C SER A 348 3.98 7.42 7.94
N THR A 349 3.08 7.89 8.80
CA THR A 349 2.81 9.32 8.90
C THR A 349 4.03 10.08 9.42
N ILE A 350 4.67 9.57 10.48
CA ILE A 350 5.84 10.26 11.01
C ILE A 350 6.99 10.20 10.01
N SER A 351 7.23 9.02 9.43
CA SER A 351 8.30 8.89 8.45
C SER A 351 8.14 9.90 7.32
N ARG A 352 6.93 9.99 6.76
CA ARG A 352 6.68 10.89 5.65
C ARG A 352 6.78 12.36 6.08
N SER A 353 6.42 12.67 7.33
CA SER A 353 6.60 14.02 7.83
C SER A 353 8.08 14.40 7.88
N TYR A 354 8.92 13.47 8.35
CA TYR A 354 10.35 13.69 8.32
C TYR A 354 10.88 13.84 6.90
N HIS A 355 10.40 12.97 5.99
CA HIS A 355 10.82 13.07 4.59
C HIS A 355 10.51 14.46 4.03
N ALA A 356 9.38 15.04 4.44
CA ALA A 356 8.97 16.33 3.90
C ALA A 356 10.00 17.42 4.16
N ILE A 357 10.74 17.33 5.27
CA ILE A 357 11.80 18.26 5.57
C ILE A 357 13.18 17.65 5.27
N LYS A 358 13.20 16.54 4.53
CA LYS A 358 14.43 15.93 4.04
C LYS A 358 15.26 15.29 5.16
N ASN A 359 14.61 14.90 6.24
CA ASN A 359 15.24 14.03 7.23
C ASN A 359 14.94 12.59 6.83
N THR A 360 15.91 11.95 6.20
CA THR A 360 15.79 10.54 5.82
C THR A 360 16.41 9.60 6.84
N LYS A 361 17.31 10.11 7.68
CA LYS A 361 18.05 9.24 8.60
C LYS A 361 17.16 8.71 9.71
N THR A 362 16.34 9.58 10.32
CA THR A 362 15.54 9.13 11.45
C THR A 362 14.52 8.06 11.04
N PRO A 363 13.77 8.23 9.95
CA PRO A 363 12.88 7.13 9.54
C PRO A 363 13.62 5.90 9.06
N PHE A 364 14.82 6.06 8.47
CA PHE A 364 15.60 4.88 8.07
C PHE A 364 16.06 4.08 9.29
N ILE A 365 16.42 4.77 10.38
CA ILE A 365 16.70 4.07 11.63
C ILE A 365 15.46 3.31 12.08
N ALA A 366 14.30 3.97 12.07
CA ALA A 366 13.06 3.31 12.47
C ALA A 366 12.78 2.09 11.60
N ALA A 367 13.00 2.23 10.29
CA ALA A 367 12.77 1.10 9.38
C ALA A 367 13.68 -0.07 9.72
N THR A 368 14.93 0.21 10.05
CA THR A 368 15.87 -0.85 10.42
C THR A 368 15.46 -1.50 11.74
N ILE A 369 14.98 -0.70 12.70
CA ILE A 369 14.48 -1.25 13.95
C ILE A 369 13.30 -2.18 13.70
N VAL A 370 12.35 -1.74 12.87
CA VAL A 370 11.15 -2.54 12.62
C VAL A 370 11.52 -3.84 11.93
N SER A 371 12.31 -3.75 10.85
CA SER A 371 12.56 -4.93 10.02
C SER A 371 13.44 -5.94 10.75
N LEU A 372 14.45 -5.47 11.49
CA LEU A 372 15.31 -6.40 12.22
C LEU A 372 14.59 -6.99 13.43
N SER A 373 13.78 -6.18 14.12
CA SER A 373 13.00 -6.71 15.23
C SER A 373 12.04 -7.79 14.75
N ASN A 374 11.42 -7.58 13.60
CA ASN A 374 10.52 -8.59 13.05
C ASN A 374 11.26 -9.87 12.72
N ILE A 375 12.42 -9.77 12.06
CA ILE A 375 13.23 -10.94 11.74
C ILE A 375 13.55 -11.71 13.01
N ILE A 376 14.06 -11.01 14.02
CA ILE A 376 14.48 -11.67 15.25
C ILE A 376 13.30 -12.33 15.95
N LEU A 377 12.19 -11.58 16.10
CA LEU A 377 11.02 -12.14 16.76
C LEU A 377 10.43 -13.30 15.97
N ASP A 378 10.39 -13.17 14.64
CA ASP A 378 9.95 -14.28 13.80
C ASP A 378 10.74 -15.55 14.10
N ILE A 379 12.07 -15.45 14.11
CA ILE A 379 12.91 -16.63 14.27
C ILE A 379 12.75 -17.22 15.66
N ILE A 380 12.73 -16.36 16.69
CA ILE A 380 12.72 -16.85 18.06
C ILE A 380 11.40 -17.54 18.38
N PHE A 381 10.28 -16.96 17.95
CA PHE A 381 8.96 -17.41 18.37
C PHE A 381 8.17 -18.07 17.25
N GLY A 382 8.70 -18.11 16.02
CA GLY A 382 7.92 -18.63 14.91
C GLY A 382 7.58 -20.10 15.05
N LEU A 383 8.52 -20.90 15.54
CA LEU A 383 8.28 -22.34 15.66
C LEU A 383 7.22 -22.62 16.71
N LYS A 384 7.39 -22.08 17.91
CA LYS A 384 6.50 -22.40 19.02
C LYS A 384 5.09 -21.88 18.77
N TYR A 385 4.96 -20.65 18.27
CA TYR A 385 3.66 -19.98 18.19
C TYR A 385 3.12 -19.86 16.77
N GLY A 386 3.79 -20.47 15.79
CA GLY A 386 3.22 -20.63 14.48
C GLY A 386 2.94 -19.33 13.74
N PRO A 387 2.08 -19.40 12.72
CA PRO A 387 1.81 -18.20 11.91
C PRO A 387 1.14 -17.08 12.69
N ILE A 388 0.34 -17.40 13.72
CA ILE A 388 -0.23 -16.35 14.56
C ILE A 388 0.89 -15.58 15.24
N GLY A 389 1.86 -16.29 15.81
CA GLY A 389 2.99 -15.62 16.45
C GLY A 389 3.80 -14.80 15.47
N VAL A 390 4.00 -15.31 14.26
CA VAL A 390 4.74 -14.57 13.25
C VAL A 390 4.01 -13.28 12.89
N ALA A 391 2.69 -13.37 12.65
CA ALA A 391 1.92 -12.17 12.37
C ALA A 391 1.97 -11.19 13.54
N LEU A 392 1.86 -11.71 14.77
CA LEU A 392 1.89 -10.84 15.94
C LEU A 392 3.25 -10.17 16.09
N ALA A 393 4.33 -10.88 15.74
CA ALA A 393 5.65 -10.29 15.79
C ALA A 393 5.77 -9.10 14.84
N THR A 394 5.10 -9.18 13.68
CA THR A 394 5.11 -8.05 12.75
C THR A 394 4.46 -6.83 13.39
N SER A 395 3.35 -7.04 14.09
CA SER A 395 2.67 -5.93 14.76
C SER A 395 3.52 -5.39 15.90
N ILE A 396 4.15 -6.28 16.67
CA ILE A 396 4.99 -5.84 17.79
C ILE A 396 6.20 -5.06 17.27
N ALA A 397 6.79 -5.53 16.17
CA ALA A 397 7.90 -4.79 15.56
C ALA A 397 7.48 -3.37 15.21
N GLY A 398 6.26 -3.20 14.69
CA GLY A 398 5.76 -1.87 14.39
C GLY A 398 5.63 -1.02 15.63
N ILE A 399 5.18 -1.62 16.74
CA ILE A 399 5.10 -0.89 18.00
C ILE A 399 6.48 -0.35 18.38
N ILE A 400 7.49 -1.21 18.29
CA ILE A 400 8.86 -0.80 18.66
C ILE A 400 9.30 0.38 17.79
N GLY A 401 9.07 0.29 16.48
CA GLY A 401 9.44 1.38 15.60
C GLY A 401 8.71 2.67 15.93
N VAL A 402 7.42 2.55 16.26
CA VAL A 402 6.64 3.74 16.58
C VAL A 402 7.14 4.38 17.87
N LEU A 403 7.48 3.56 18.88
CA LEU A 403 8.02 4.11 20.11
C LEU A 403 9.28 4.92 19.84
N TYR A 404 10.17 4.41 18.99
CA TYR A 404 11.36 5.16 18.62
C TYR A 404 10.98 6.46 17.93
N LEU A 405 10.04 6.40 17.00
CA LEU A 405 9.67 7.60 16.24
C LEU A 405 8.98 8.63 17.13
N LEU A 406 8.11 8.18 18.03
CA LEU A 406 7.42 9.12 18.91
C LEU A 406 8.40 9.81 19.86
N PHE A 407 9.36 9.06 20.40
CA PHE A 407 10.40 9.68 21.20
C PHE A 407 11.21 10.68 20.39
N SER A 408 11.34 10.47 19.08
CA SER A 408 12.09 11.39 18.25
C SER A 408 11.32 12.69 18.01
N VAL A 409 10.02 12.58 17.69
CA VAL A 409 9.24 13.78 17.42
C VAL A 409 8.69 14.41 18.70
N LYS A 410 8.70 13.68 19.82
CA LYS A 410 8.38 14.25 21.13
C LYS A 410 6.97 14.84 21.16
N THR A 411 6.01 14.14 20.56
CA THR A 411 4.64 14.64 20.55
C THR A 411 3.67 13.51 20.24
N PHE A 412 2.44 13.66 20.75
CA PHE A 412 1.36 12.72 20.47
C PHE A 412 0.03 13.35 20.88
N PRO A 413 -1.00 13.32 20.02
CA PRO A 413 -2.30 13.94 20.38
C PRO A 413 -3.13 13.04 21.29
N ILE A 414 -2.78 13.07 22.58
CA ILE A 414 -3.36 12.12 23.53
C ILE A 414 -4.86 12.35 23.68
N LYS A 415 -5.29 13.61 23.74
CA LYS A 415 -6.71 13.89 23.93
C LYS A 415 -7.54 13.34 22.77
N ASP A 416 -7.07 13.57 21.54
CA ASP A 416 -7.79 13.05 20.38
C ASP A 416 -7.74 11.52 20.34
N PHE A 417 -6.62 10.93 20.78
CA PHE A 417 -6.57 9.48 20.86
C PHE A 417 -7.70 8.93 21.73
N LEU A 418 -7.97 9.59 22.86
CA LEU A 418 -9.02 9.12 23.76
C LEU A 418 -10.40 9.32 23.15
N LYS A 419 -10.63 10.46 22.50
CA LYS A 419 -11.92 10.71 21.86
C LYS A 419 -12.17 9.70 20.73
N ILE A 420 -11.16 9.44 19.93
CA ILE A 420 -11.29 8.48 18.83
C ILE A 420 -11.53 7.09 19.38
N SER A 421 -10.82 6.72 20.45
CA SER A 421 -11.02 5.41 21.04
C SER A 421 -12.44 5.24 21.58
N LEU A 422 -12.96 6.27 22.24
CA LEU A 422 -14.34 6.21 22.74
C LEU A 422 -15.33 6.04 21.59
N ASN A 423 -15.18 6.84 20.54
CA ASN A 423 -16.08 6.70 19.39
C ASN A 423 -15.96 5.32 18.77
N SER A 424 -14.76 4.74 18.77
CA SER A 424 -14.60 3.39 18.25
C SER A 424 -15.26 2.36 19.16
N LEU A 425 -15.29 2.61 20.47
CA LEU A 425 -15.96 1.69 21.38
C LEU A 425 -17.48 1.79 21.24
N ILE A 426 -18.00 3.00 21.08
CA ILE A 426 -19.43 3.16 20.80
C ILE A 426 -19.77 2.42 19.52
N MET A 427 -18.96 2.59 18.47
CA MET A 427 -19.16 1.86 17.23
C MET A 427 -19.19 0.36 17.47
N LEU A 428 -18.19 -0.15 18.21
CA LEU A 428 -18.12 -1.58 18.45
C LEU A 428 -19.36 -2.09 19.17
N PHE A 429 -19.88 -1.30 20.12
CA PHE A 429 -21.08 -1.70 20.85
C PHE A 429 -22.26 -1.87 19.90
N VAL A 430 -22.44 -0.94 18.96
CA VAL A 430 -23.57 -1.04 18.04
C VAL A 430 -23.38 -2.22 17.10
N ILE A 431 -22.17 -2.40 16.55
CA ILE A 431 -21.90 -3.56 15.71
C ILE A 431 -22.23 -4.84 16.45
N TYR A 432 -21.83 -4.91 17.72
CA TYR A 432 -22.13 -6.08 18.53
C TYR A 432 -23.63 -6.32 18.64
N LEU A 433 -24.41 -5.26 18.81
CA LEU A 433 -25.86 -5.40 18.91
C LEU A 433 -26.50 -5.87 17.61
N THR A 434 -25.86 -5.64 16.47
CA THR A 434 -26.37 -6.12 15.19
C THR A 434 -25.86 -7.53 14.84
N ASP A 435 -25.09 -8.15 15.72
CA ASP A 435 -24.41 -9.41 15.41
C ASP A 435 -25.32 -10.58 15.80
N PHE A 436 -26.43 -10.71 15.06
CA PHE A 436 -27.48 -11.66 15.41
C PHE A 436 -27.79 -12.67 14.31
N THR A 437 -26.99 -12.77 13.26
CA THR A 437 -27.27 -13.70 12.17
C THR A 437 -25.99 -14.29 11.61
N ASP A 438 -26.08 -15.55 11.18
CA ASP A 438 -24.99 -16.25 10.53
C ASP A 438 -24.92 -15.97 9.04
N ASN A 439 -25.83 -15.15 8.49
CA ASN A 439 -25.87 -14.89 7.07
C ASN A 439 -24.51 -14.40 6.59
N GLU A 440 -24.04 -14.96 5.47
CA GLU A 440 -22.68 -14.72 5.00
C GLU A 440 -22.46 -13.29 4.49
N PHE A 441 -23.54 -12.57 4.17
CA PHE A 441 -23.41 -11.20 3.66
C PHE A 441 -23.65 -10.14 4.74
N TRP A 442 -24.15 -10.51 5.91
CA TRP A 442 -24.57 -9.52 6.89
C TRP A 442 -23.41 -8.62 7.31
N PHE A 443 -22.19 -9.15 7.35
CA PHE A 443 -21.06 -8.34 7.80
C PHE A 443 -20.86 -7.11 6.91
N LEU A 444 -21.29 -7.19 5.65
CA LEU A 444 -21.20 -6.02 4.78
C LEU A 444 -22.11 -4.91 5.28
N ILE A 445 -23.31 -5.25 5.72
CA ILE A 445 -24.19 -4.28 6.34
C ILE A 445 -23.58 -3.79 7.65
N GLN A 446 -22.95 -4.69 8.40
CA GLN A 446 -22.35 -4.31 9.67
C GLN A 446 -21.20 -3.33 9.48
N ILE A 447 -20.42 -3.49 8.41
CA ILE A 447 -19.36 -2.53 8.11
C ILE A 447 -19.96 -1.16 7.82
N LEU A 448 -21.00 -1.12 6.99
CA LEU A 448 -21.69 0.12 6.71
C LEU A 448 -22.22 0.76 8.00
N ILE A 449 -22.91 -0.03 8.82
CA ILE A 449 -23.42 0.47 10.08
C ILE A 449 -22.29 0.99 10.95
N GLY A 450 -21.18 0.24 11.04
CA GLY A 450 -20.05 0.67 11.83
C GLY A 450 -19.51 2.02 11.39
N ILE A 451 -19.32 2.19 10.08
CA ILE A 451 -18.81 3.47 9.57
C ILE A 451 -19.75 4.60 9.95
N LEU A 452 -21.06 4.40 9.77
CA LEU A 452 -22.02 5.45 10.01
C LEU A 452 -22.09 5.82 11.49
N VAL A 453 -22.13 4.82 12.37
CA VAL A 453 -22.14 5.09 13.80
C VAL A 453 -20.88 5.85 14.20
N TYR A 454 -19.73 5.41 13.69
CA TYR A 454 -18.47 6.07 14.02
C TYR A 454 -18.49 7.54 13.61
N LEU A 455 -18.95 7.81 12.39
CA LEU A 455 -18.98 9.19 11.90
C LEU A 455 -20.01 10.02 12.65
N ILE A 456 -21.15 9.43 12.99
CA ILE A 456 -22.18 10.18 13.71
C ILE A 456 -21.65 10.64 15.06
N PHE A 457 -21.05 9.72 15.81
CA PHE A 457 -20.56 10.08 17.13
C PHE A 457 -19.25 10.85 17.07
N SER A 458 -18.45 10.67 16.01
CA SER A 458 -17.34 11.58 15.79
C SER A 458 -17.84 13.01 15.64
N SER A 459 -18.94 13.19 14.90
CA SER A 459 -19.47 14.55 14.72
C SER A 459 -19.97 15.12 16.04
N ILE A 460 -20.53 14.27 16.91
CA ILE A 460 -21.01 14.74 18.20
C ILE A 460 -19.85 15.21 19.07
N PHE A 461 -18.78 14.41 19.15
CA PHE A 461 -17.68 14.74 20.04
C PHE A 461 -16.66 15.69 19.43
N TYR A 462 -16.75 15.98 18.13
CA TYR A 462 -15.92 16.98 17.47
C TYR A 462 -16.78 18.18 17.04
N ARG A 463 -17.79 18.52 17.86
CA ARG A 463 -18.77 19.50 17.43
C ARG A 463 -18.15 20.89 17.24
N ASP A 464 -17.20 21.28 18.10
CA ASP A 464 -16.53 22.57 17.92
C ASP A 464 -15.77 22.62 16.61
N LEU A 465 -15.05 21.55 16.28
CA LEU A 465 -14.35 21.48 15.00
C LEU A 465 -15.31 21.66 13.84
N ILE A 466 -16.45 20.95 13.87
CA ILE A 466 -17.43 21.06 12.80
C ILE A 466 -18.05 22.46 12.78
N ARG A 467 -18.41 22.98 13.95
CA ARG A 467 -18.98 24.33 14.02
C ARG A 467 -18.08 25.33 13.32
N ARG A 468 -16.78 25.30 13.64
CA ARG A 468 -15.83 26.21 13.00
C ARG A 468 -15.77 25.97 11.50
N PHE A 469 -15.65 24.72 11.09
CA PHE A 469 -15.61 24.40 9.66
C PHE A 469 -16.84 24.94 8.95
N LEU A 470 -18.02 24.72 9.54
CA LEU A 470 -19.26 25.18 8.92
C LEU A 470 -19.27 26.70 8.78
N TYR A 471 -18.89 27.41 9.84
CA TYR A 471 -18.95 28.87 9.76
C TYR A 471 -17.86 29.40 8.83
N ALA A 472 -16.69 28.78 8.84
CA ALA A 472 -15.64 29.18 7.91
C ALA A 472 -16.12 29.06 6.47
N ARG A 473 -16.87 28.00 6.17
CA ARG A 473 -17.47 27.86 4.85
C ARG A 473 -18.43 29.02 4.56
N LYS A 474 -19.33 29.31 5.50
CA LYS A 474 -20.37 30.31 5.26
C LYS A 474 -19.79 31.71 5.09
N LYS A 475 -18.69 32.02 5.79
CA LYS A 475 -18.09 33.34 5.75
C LYS A 475 -17.81 33.78 4.31
OH2 1PE B . -7.89 18.30 17.81
C12 1PE B . -8.79 18.18 16.75
C22 1PE B . -8.45 19.20 15.67
OH3 1PE B . -7.08 19.14 15.36
C13 1PE B . -5.19 19.97 14.14
C23 1PE B . -6.67 20.15 14.48
OH4 1PE B . -4.41 20.37 15.24
C14 1PE B . -2.30 20.64 16.33
C24 1PE B . -3.04 20.16 15.09
OH5 1PE B . -2.29 19.63 17.30
C15 1PE B . -2.16 18.98 19.62
C25 1PE B . -1.92 20.08 18.58
OH6 1PE B . -3.53 18.93 19.93
C16 1PE B . -5.28 19.02 21.58
C26 1PE B . -3.81 18.71 21.28
OH7 1PE B . -6.03 18.95 20.40
HO2 1PE B . -7.74 17.53 18.14
H121 1PE B . -8.74 17.29 16.38
H122 1PE B . -9.70 18.35 17.07
H221 1PE B . -8.96 19.01 14.87
H222 1PE B . -8.67 20.09 15.98
H131 1PE B . -4.96 20.51 13.37
H132 1PE B . -5.01 19.03 13.95
H231 1PE B . -6.81 21.00 14.89
H232 1PE B . -7.19 20.08 13.66
H141 1PE B . -2.75 21.42 16.68
H142 1PE B . -1.39 20.87 16.10
H241 1PE B . -2.88 19.20 14.95
H242 1PE B . -2.72 20.64 14.31
H151 1PE B . -1.88 18.13 19.27
H152 1PE B . -1.66 19.19 20.42
H251 1PE B . -0.98 20.31 18.57
H252 1PE B . -2.44 20.86 18.80
H161 1PE B . -5.62 18.37 22.22
H162 1PE B . -5.35 19.91 21.95
H261 1PE B . -3.25 19.29 21.83
H262 1PE B . -3.63 17.79 21.50
HO7 1PE B . -6.85 19.11 20.57
C1 OLB C . 2.83 -18.31 -25.32
C2 OLB C . 2.86 -16.78 -25.37
C3 OLB C . 4.30 -16.27 -25.40
C4 OLB C . 4.30 -14.94 -26.14
C5 OLB C . 5.64 -14.22 -25.99
O19 OLB C . 3.83 -18.93 -25.53
O20 OLB C . 1.62 -18.95 -25.02
C21 OLB C . 1.65 -20.36 -24.98
C22 OLB C . 1.01 -20.82 -23.68
O23 OLB C . -0.37 -20.61 -23.74
C24 OLB C . 1.30 -22.31 -23.48
O25 OLB C . 2.64 -22.47 -23.11
C6 OLB C . 5.62 -13.04 -26.96
C7 OLB C . 6.93 -12.27 -26.94
C8 OLB C . 6.67 -10.88 -27.54
C9 OLB C . 7.94 -10.04 -27.51
C10 OLB C . 7.92 -8.71 -27.51
C11 OLB C . 6.64 -7.89 -27.52
H2 OLB C . 2.40 -16.49 -26.17
H2A OLB C . 2.41 -16.43 -24.59
H3 OLB C . 4.87 -16.90 -25.85
H3A OLB C . 4.62 -16.14 -24.49
H4 OLB C . 3.60 -14.37 -25.77
H4A OLB C . 4.12 -15.09 -27.07
H5 OLB C . 6.37 -14.82 -26.23
H5A OLB C . 5.76 -13.90 -25.08
H21 OLB C . 2.57 -20.66 -25.02
H21A OLB C . 1.16 -20.71 -25.74
H22 OLB C . 1.38 -20.31 -22.94
HO23 OLB C . -0.71 -20.72 -22.97
H24 OLB C . 1.14 -22.79 -24.31
H24A OLB C . 0.72 -22.66 -22.77
HO25 OLB C . 2.69 -23.00 -22.44
H16 OLB C . 5.45 -13.36 -27.85
H17 OLB C . 4.90 -12.44 -26.69
H18 OLB C . 7.59 -12.74 -27.48
H19 OLB C . 7.26 -12.18 -26.03
H20 OLB C . 5.98 -10.44 -27.02
H211 OLB C . 6.37 -10.98 -28.45
H221 OLB C . 8.76 -10.47 -27.52
C12 OLB C . 6.64 -6.93 -26.32
H23 OLB C . 8.73 -8.27 -27.50
H241 OLB C . 6.59 -7.37 -28.34
C13 OLB C . 7.29 -5.60 -26.68
H25 OLB C . 5.87 -8.47 -27.46
C14 OLB C . 6.49 -4.44 -26.06
H26 OLB C . 7.13 -7.35 -25.60
H27 OLB C . 5.73 -6.78 -26.04
H28 OLB C . 7.31 -5.49 -27.65
C15 OLB C . 7.40 -3.31 -25.61
H29 OLB C . 8.20 -5.58 -26.34
H30 OLB C . 5.99 -4.79 -25.29
H31 OLB C . 5.86 -4.11 -26.72
H33 OLB C . 7.07 -2.95 -24.77
C1 OLB D . -13.38 -11.84 18.50
C2 OLB D . -14.02 -10.74 19.34
C3 OLB D . -13.61 -9.39 18.79
C4 OLB D . -13.03 -8.48 19.88
C5 OLB D . -13.33 -7.04 19.48
O19 OLB D . -12.20 -12.02 18.59
O20 OLB D . -14.17 -12.60 17.64
C21 OLB D . -13.51 -13.58 16.89
C22 OLB D . -13.02 -12.99 15.57
O23 OLB D . -12.70 -14.04 14.69
C24 OLB D . -14.08 -12.09 14.94
O25 OLB D . -15.06 -12.84 14.29
C6 OLB D . -12.58 -6.05 20.38
C7 OLB D . -11.63 -5.23 19.51
C8 OLB D . -10.55 -4.54 20.35
C9 OLB D . -9.18 -5.01 19.88
C10 OLB D . -8.06 -4.37 20.17
C11 OLB D . -8.04 -3.09 21.01
H2 OLB D . -13.73 -10.83 20.27
H2A OLB D . -14.99 -10.83 19.30
H3 OLB D . -14.38 -8.95 18.40
H3A OLB D . -12.94 -9.52 18.10
H4 OLB D . -13.45 -8.68 20.73
H4A OLB D . -12.07 -8.62 19.94
H5 OLB D . -13.06 -6.90 18.56
H5A OLB D . -14.28 -6.88 19.56
H21 OLB D . -14.11 -14.32 16.72
H21A OLB D . -12.75 -13.91 17.41
H22 OLB D . -12.21 -12.48 15.74
HO23 OLB D . -12.15 -13.77 14.11
H24 OLB D . -13.65 -11.50 14.29
H24A OLB D . -14.49 -11.55 15.64
HO25 OLB D . -15.67 -12.32 14.00
H16 OLB D . -13.21 -5.46 20.81
H17 OLB D . -12.07 -6.53 21.04
H18 OLB D . -12.14 -4.56 19.03
H19 OLB D . -11.20 -5.81 18.87
H20 OLB D . -10.62 -3.58 20.25
H211 OLB D . -10.68 -4.78 21.29
H221 OLB D . -9.13 -5.78 19.36
C12 OLB D . -6.67 -3.00 21.67
H23 OLB D . -7.26 -4.71 19.85
H241 OLB D . -8.18 -2.33 20.43
H25 OLB D . -8.73 -3.13 21.69
H27 OLB D . -6.07 -2.49 21.10
C1 OLB E . -16.67 18.42 23.10
C2 OLB E . -17.36 17.16 23.62
C3 OLB E . -18.83 17.34 23.26
C4 OLB E . -19.65 16.24 23.91
C5 OLB E . -20.83 16.83 24.71
O19 OLB E . -16.22 19.23 23.85
O20 OLB E . -16.59 18.59 21.72
C21 OLB E . -15.96 19.75 21.27
C22 OLB E . -15.42 19.42 19.89
C24 OLB E . -13.93 19.71 19.79
O25 OLB E . -13.56 19.64 18.45
C6 OLB E . -22.17 16.23 24.29
C7 OLB E . -22.19 14.70 24.20
C8 OLB E . -21.85 14.06 25.55
C9 OLB E . -23.12 13.47 26.12
C10 OLB E . -23.48 12.22 25.93
C11 OLB E . -22.63 11.24 25.11
H2 OLB E . -17.26 17.10 24.58
H2A OLB E . -17.00 16.38 23.18
H3 OLB E . -19.14 18.20 23.57
H3A OLB E . -18.93 17.29 22.30
H4 OLB E . -19.09 15.72 24.51
H4A OLB E . -20.00 15.65 23.22
H5 OLB E . -20.69 16.65 25.65
H5A OLB E . -20.86 17.79 24.56
H21 OLB E . -15.23 19.98 21.87
H21A OLB E . -16.59 20.48 21.22
H24 OLB E . -13.75 20.60 20.14
H24A OLB E . -13.43 19.06 20.30
HO25 OLB E . -12.78 19.97 18.35
H16 OLB E . -22.84 16.50 24.94
H17 OLB E . -22.41 16.58 23.42
H18 OLB E . -21.54 14.41 23.54
H19 OLB E . -23.07 14.40 23.93
H20 OLB E . -21.49 14.74 26.15
H211 OLB E . -21.19 13.36 25.42
H221 OLB E . -23.68 14.01 26.63
C12 OLB E . -23.38 9.91 25.08
H23 OLB E . -24.27 11.91 26.30
H241 OLB E . -21.77 11.12 25.53
C13 OLB E . -22.71 8.94 24.09
H25 OLB E . -22.52 11.59 24.21
C14 OLB E . -23.15 7.52 24.43
H26 OLB E . -24.29 10.06 24.81
H27 OLB E . -23.37 9.52 25.96
H28 OLB E . -21.75 9.00 24.18
H29 OLB E . -22.98 9.16 23.20
H31 OLB E . -23.84 7.54 25.12
C1 OLB F . 18.01 -20.18 13.32
C2 OLB F . 19.30 -19.47 13.68
C3 OLB F . 19.52 -18.27 12.77
C4 OLB F . 20.69 -17.44 13.30
C5 OLB F . 20.84 -16.17 12.46
O19 OLB F . 17.21 -19.64 12.62
O20 OLB F . 17.76 -21.47 13.81
C21 OLB F . 16.54 -22.03 13.42
C22 OLB F . 16.54 -23.50 13.85
O23 OLB F . 15.42 -23.74 14.67
C24 OLB F . 16.51 -24.45 12.65
O25 OLB F . 15.22 -25.01 12.54
C6 OLB F . 20.03 -15.05 13.10
C7 OLB F . 19.57 -14.05 12.03
C8 OLB F . 19.96 -12.63 12.44
C9 OLB F . 19.46 -11.65 11.39
C10 OLB F . 19.76 -10.37 11.47
C11 OLB F . 20.63 -9.85 12.62
H2 OLB F . 20.05 -20.09 13.58
H2A OLB F . 19.25 -19.16 14.60
H3 OLB F . 18.73 -17.72 12.75
H3A OLB F . 19.73 -18.58 11.87
H4 OLB F . 21.51 -17.96 13.24
H4A OLB F . 20.52 -17.20 14.23
H5 OLB F . 20.51 -16.34 11.56
H5A OLB F . 21.77 -15.91 12.42
H21 OLB F . 16.45 -21.98 12.46
H21A OLB F . 15.80 -21.56 13.85
H22 OLB F . 17.34 -23.67 14.37
HO23 OLB F . 15.68 -23.96 15.44
H24 OLB F . 16.72 -23.96 11.85
H24A OLB F . 17.15 -25.16 12.78
HO25 OLB F . 14.77 -24.80 13.22
H16 OLB F . 19.26 -15.41 13.54
H17 OLB F . 20.59 -14.58 13.74
H18 OLB F . 18.60 -14.11 11.93
H19 OLB F . 20.00 -14.27 11.19
H20 OLB F . 20.92 -12.57 12.52
H211 OLB F . 19.55 -12.42 13.31
H221 OLB F . 18.93 -11.95 10.69
H23 OLB F . 19.45 -9.78 10.83
H25 OLB F . 20.26 -10.16 13.47
C1 OLB G . -8.94 14.84 13.39
C2 OLB G . -9.90 14.06 14.28
C3 OLB G . -11.16 13.65 13.53
C4 OLB G . -12.03 14.84 13.12
C5 OLB G . -13.30 14.26 12.50
O19 OLB G . -8.62 14.42 12.34
O20 OLB G . -8.42 16.06 13.86
C21 OLB G . -7.53 16.70 13.00
C22 OLB G . -8.29 17.37 11.85
O23 OLB G . -7.91 18.72 11.75
C24 OLB G . -7.96 16.69 10.52
O25 OLB G . -7.95 17.63 9.50
C6 OLB G . -14.48 15.23 12.49
C7 OLB G . -15.74 14.41 12.18
C8 OLB G . -15.66 13.90 10.74
C9 OLB G . -17.01 13.28 10.35
C10 OLB G . -17.26 12.98 9.09
C11 OLB G . -16.22 13.22 7.99
H2 OLB G . -9.46 13.26 14.60
H2A OLB G . -10.15 14.61 15.04
H3 OLB G . -10.91 13.16 12.73
H3A OLB G . -11.69 13.06 14.10
H4 OLB G . -11.56 15.39 12.47
H4A OLB G . -12.25 15.38 13.90
H5 OLB G . -13.55 13.47 13.02
H5A OLB G . -13.11 13.99 11.60
H21 OLB G . -7.05 17.39 13.50
H21A OLB G . -6.91 16.07 12.64
H22 OLB G . -9.24 17.32 12.01
HO23 OLB G . -7.06 18.78 11.76
H24 OLB G . -8.63 16.01 10.34
H24A OLB G . -7.09 16.25 10.59
HO25 OLB G . -7.77 18.40 9.81
H16 OLB G . -14.56 15.66 13.35
H17 OLB G . -14.34 15.89 11.79
H18 OLB G . -15.78 13.65 12.80
H19 OLB G . -16.52 14.97 12.30
H20 OLB G . -14.98 13.22 10.67
H211 OLB G . -15.46 14.64 10.15
H221 OLB G . -17.65 13.13 11.01
C12 OLB G . -16.87 12.98 6.63
H23 OLB G . -18.09 12.61 8.88
H241 OLB G . -15.48 12.62 8.11
H25 OLB G . -15.91 14.13 8.04
H27 OLB G . -16.88 13.80 6.13
C1 OLB H . -1.88 -12.87 -30.39
C2 OLB H . -2.85 -11.70 -30.39
C3 OLB H . -2.99 -11.26 -28.94
C4 OLB H . -4.25 -10.43 -28.75
C5 OLB H . -4.37 -10.09 -27.27
O19 OLB H . -0.76 -12.74 -30.78
O20 OLB H . -2.34 -14.10 -29.92
C21 OLB H . -1.41 -15.14 -29.92
C22 OLB H . -2.00 -16.26 -29.06
O23 OLB H . -3.21 -16.67 -29.63
C24 OLB H . -1.03 -17.44 -29.00
O25 OLB H . 0.09 -17.08 -28.23
C6 OLB H . -4.83 -8.65 -27.12
C7 OLB H . -5.51 -8.49 -25.77
C8 OLB H . -5.42 -7.04 -25.34
C9 OLB H . -5.89 -6.91 -23.90
C10 OLB H . -6.44 -5.80 -23.45
C11 OLB H . -6.64 -4.61 -24.36
H2 OLB H . -3.71 -11.99 -30.73
H2A OLB H . -2.50 -10.97 -30.93
H3 OLB H . -2.22 -10.71 -28.70
H3A OLB H . -3.03 -12.03 -28.36
H4 OLB H . -5.03 -10.95 -29.03
H4A OLB H . -4.20 -9.61 -29.28
H5 OLB H . -3.52 -10.20 -26.85
H5A OLB H . -5.02 -10.68 -26.86
H21 OLB H . -0.56 -14.85 -29.55
H21A OLB H . -1.27 -15.46 -30.84
H22 OLB H . -2.16 -15.92 -28.17
HO23 OLB H . -3.53 -16.04 -30.10
H24 OLB H . -1.47 -18.20 -28.58
H24A OLB H . -0.75 -17.69 -29.89
HO25 OLB H . 0.17 -17.62 -27.58
H16 OLB H . -4.07 -8.06 -27.18
H17 OLB H . -5.46 -8.43 -27.83
H18 OLB H . -5.06 -9.05 -25.11
H19 OLB H . -6.44 -8.75 -25.84
H20 OLB H . -5.99 -6.49 -25.91
H211 OLB H . -4.50 -6.73 -25.41
H221 OLB H . -5.78 -7.63 -23.32
C12 OLB H . -7.29 -3.47 -23.58
H23 OLB H . -6.72 -5.76 -22.56
H241 OLB H . -7.22 -4.86 -25.10
C13 OLB H . -7.71 -2.37 -24.54
H25 OLB H . -5.78 -4.31 -24.70
C14 OLB H . -8.29 -1.19 -23.74
H26 OLB H . -6.65 -3.12 -22.93
H27 OLB H . -8.07 -3.81 -23.11
H28 OLB H . -8.38 -2.70 -25.15
C15 OLB H . -8.32 0.04 -24.63
H29 OLB H . -6.94 -2.06 -25.05
H30 OLB H . -7.73 -1.03 -22.97
H31 OLB H . -9.19 -1.42 -23.45
H33 OLB H . -7.57 0.62 -24.42
C1 OLB I . 11.52 -7.11 -14.80
C2 OLB I . 12.98 -6.69 -14.95
C3 OLB I . 13.82 -7.49 -13.96
C4 OLB I . 14.70 -6.58 -13.11
C5 OLB I . 14.79 -7.15 -11.69
O19 OLB I . 10.67 -6.28 -14.77
O20 OLB I . 11.19 -8.47 -14.70
C21 OLB I . 9.84 -8.80 -14.55
C22 OLB I . 9.72 -9.96 -13.57
O23 OLB I . 8.56 -9.82 -12.80
C24 OLB I . 9.65 -11.28 -14.33
O25 OLB I . 9.39 -12.32 -13.44
C6 OLB I . 16.01 -6.59 -10.95
C7 OLB I . 15.60 -5.63 -9.83
C8 OLB I . 16.39 -4.32 -9.89
C9 OLB I . 17.39 -4.28 -8.73
C10 OLB I . 18.13 -3.20 -8.50
C11 OLB I . 18.03 -1.96 -9.40
H2 OLB I . 13.29 -6.89 -15.86
H2A OLB I . 13.08 -5.75 -14.78
H3 OLB I . 14.39 -8.11 -14.43
H3A OLB I . 13.23 -7.99 -13.37
H4 OLB I . 14.32 -5.68 -13.06
H4A OLB I . 15.60 -6.53 -13.48
H5 OLB I . 14.87 -8.12 -11.74
H5A OLB I . 13.99 -6.92 -11.20
H21 OLB I . 9.35 -8.03 -14.21
H21A OLB I . 9.47 -9.06 -15.42
H22 OLB I . 10.49 -9.96 -12.99
HO23 OLB I . 7.87 -9.84 -13.29
H24 OLB I . 10.51 -11.43 -14.78
H24A OLB I . 8.96 -11.24 -15.01
HO25 OLB I . 8.59 -12.28 -13.19
H16 OLB I . 16.57 -6.11 -11.59
H17 OLB I . 16.52 -7.32 -10.57
H18 OLB I . 15.76 -6.06 -8.98
H19 OLB I . 14.66 -5.43 -9.92
H20 OLB I . 15.78 -3.57 -9.81
H211 OLB I . 16.88 -4.27 -10.72
H221 OLB I . 17.48 -5.01 -8.17
C12 OLB I . 19.05 -0.92 -8.91
H23 OLB I . 18.72 -3.20 -7.79
H241 OLB I . 17.14 -1.59 -9.33
C13 OLB I . 18.46 0.48 -8.85
H25 OLB I . 18.21 -2.20 -10.31
C14 OLB I . 19.21 1.27 -7.78
H26 OLB I . 19.80 -0.92 -9.53
H27 OLB I . 19.37 -1.18 -8.04
H28 OLB I . 17.52 0.42 -8.61
C15 OLB I . 19.05 2.77 -7.99
H29 OLB I . 18.56 0.92 -9.70
H30 OLB I . 20.16 1.04 -7.81
H31 OLB I . 18.87 1.04 -6.91
H33 OLB I . 18.52 3.15 -7.27
NA NA J . 6.40 -11.13 11.78
C10 OLC K . -21.25 13.54 10.12
C9 OLC K . -20.58 14.66 9.93
C11 OLC K . -22.40 13.11 9.22
C8 OLC K . -20.87 15.64 8.78
C24 OLC K . -11.36 21.46 8.07
C12 OLC K . -22.57 11.61 9.38
C7 OLC K . -19.88 16.77 9.02
C13 OLC K . -23.62 11.10 8.40
C6 OLC K . -19.91 17.85 7.94
C14 OLC K . -23.81 9.60 8.59
C5 OLC K . -18.77 18.82 8.25
C4 OLC K . -17.42 18.17 7.94
C3 OLC K . -16.43 18.34 9.09
C2 OLC K . -15.07 18.59 8.44
C21 OLC K . -11.69 19.65 9.72
C1 OLC K . -13.98 18.94 9.44
C22 OLC K . -10.67 20.32 8.81
O19 OLC K . -14.15 18.92 10.61
O25 OLC K . -10.43 22.23 7.37
O23 OLC K . -9.60 20.81 9.57
O20 OLC K . -12.74 19.30 8.88
H10 OLC K . -21.01 13.00 10.84
H9 OLC K . -19.89 14.86 10.52
H11 OLC K . -22.19 13.33 8.30
H11A OLC K . -23.21 13.57 9.48
H8 OLC K . -20.72 15.22 7.93
H8A OLC K . -21.78 15.97 8.85
H24 OLC K . -11.82 22.02 8.72
H24A OLC K . -12.01 21.10 7.45
H12 OLC K . -22.85 11.41 10.29
H12A OLC K . -21.72 11.16 9.20
H7 OLC K . -20.08 17.18 9.88
H7A OLC K . -18.98 16.40 9.06
H13 OLC K . -23.33 11.27 7.49
H13A OLC K . -24.46 11.54 8.57
H6 OLC K . -20.75 18.32 7.97
H6A OLC K . -19.77 17.45 7.07
H14A OLC K . -23.61 9.13 7.76
H5 OLC K . -18.88 19.63 7.72
H5A OLC K . -18.80 19.07 9.19
H4 OLC K . -17.56 17.23 7.77
H4A OLC K . -17.05 18.59 7.14
H3 OLC K . -16.69 19.09 9.64
H3A OLC K . -16.40 17.53 9.62
H2 OLC K . -15.17 19.33 7.81
H2A OLC K . -14.80 17.80 7.95
H21 OLC K . -11.99 20.26 10.41
H21A OLC K . -11.31 18.85 10.13
H22 OLC K . -10.34 19.67 8.17
HO25 OLC K . -9.70 22.26 7.82
HO23 OLC K . -9.19 20.17 9.94
C10 OLC L . 1.59 -3.41 -27.95
C9 OLC L . 1.85 -4.69 -28.16
C11 OLC L . 1.72 -2.78 -26.57
C8 OLC L . 2.33 -5.61 -27.03
C7 OLC L . 3.15 -6.77 -27.59
C6 OLC L . 2.30 -7.67 -28.50
C5 OLC L . 3.22 -8.67 -29.20
C4 OLC L . 3.12 -10.06 -28.56
C3 OLC L . 2.49 -11.07 -29.51
C2 OLC L . 3.56 -12.06 -29.98
C1 OLC L . 2.90 -13.31 -30.57
O19 OLC L . 3.60 -14.12 -31.46
O20 OLC L . 1.78 -13.59 -30.26
H10 OLC L . 1.31 -2.88 -28.66
H9 OLC L . 1.76 -5.03 -29.01
H11A OLC L . 2.11 -1.89 -26.66
H8 OLC L . 2.86 -5.11 -26.40
H8A OLC L . 1.55 -5.96 -26.57
H7 OLC L . 3.89 -6.41 -28.11
H7A OLC L . 3.50 -7.29 -26.85
H6 OLC L . 1.85 -7.13 -29.16
H6A OLC L . 1.65 -8.15 -27.96
H5 OLC L . 2.96 -8.73 -30.13
H5A OLC L . 4.14 -8.36 -29.14
H4 OLC L . 4.01 -10.36 -28.32
H4A OLC L . 2.59 -10.00 -27.76
H3 OLC L . 1.79 -11.56 -29.04
H3A OLC L . 2.11 -10.61 -30.28
H2 OLC L . 4.12 -12.32 -29.24
H2A OLC L . 4.10 -11.64 -30.67
C8 OLC M . 21.14 -11.11 17.12
C24 OLC M . 14.32 -22.09 17.42
C7 OLC M . 20.32 -12.28 17.64
C6 OLC M . 19.90 -13.17 16.47
C5 OLC M . 18.69 -14.03 16.86
C4 OLC M . 19.11 -15.49 17.02
C3 OLC M . 17.85 -16.35 17.15
C2 OLC M . 18.19 -17.80 16.80
C21 OLC M . 15.70 -20.19 18.31
C1 OLC M . 17.45 -18.72 17.76
C22 OLC M . 14.31 -20.63 17.84
O19 OLC M . 17.85 -18.87 18.87
O25 OLC M . 13.01 -22.55 17.30
O23 OLC M . 13.40 -20.44 18.89
O20 OLC M . 16.29 -19.38 17.34
H8A OLC M . 20.69 -10.72 16.35
H24 OLC M . 14.79 -22.61 18.10
H24A OLC M . 14.78 -22.18 16.58
H7 OLC M . 20.85 -12.80 18.26
H7A OLC M . 19.52 -11.95 18.10
H6 OLC M . 20.63 -13.75 16.22
H6A OLC M . 19.66 -12.62 15.71
H5 OLC M . 18.32 -13.70 17.69
H5A OLC M . 18.01 -13.97 16.16
H4 OLC M . 19.63 -15.77 16.25
H4A OLC M . 19.65 -15.58 17.83
H3 OLC M . 17.52 -16.30 18.05
H3A OLC M . 17.18 -16.02 16.53
H2 OLC M . 19.15 -17.94 16.89
H2A OLC M . 17.91 -17.99 15.89
H21 OLC M . 16.26 -20.98 18.45
H21A OLC M . 15.63 -19.70 19.14
H22 OLC M . 14.05 -20.07 17.09
HO25 OLC M . 12.50 -22.10 17.83
HO23 OLC M . 12.87 -19.82 18.69
C10 OLC N . -13.91 4.59 -12.23
C9 OLC N . -13.24 4.98 -13.29
C11 OLC N . -13.79 3.16 -11.68
C8 OLC N . -12.30 4.04 -14.06
C24 OLC N . -5.23 14.89 -13.83
C12 OLC N . -14.67 3.07 -10.43
C7 OLC N . -11.38 4.84 -14.98
C15 OLC N . -16.20 0.16 -8.47
C13 OLC N . -15.08 1.64 -10.16
C6 OLC N . -10.88 6.10 -14.28
C14 OLC N . -15.94 1.61 -8.89
C5 OLC N . -9.63 6.64 -14.96
C4 OLC N . -8.63 7.14 -13.91
C3 OLC N . -8.65 8.67 -13.85
C2 OLC N . -7.61 9.26 -14.79
C21 OLC N . -6.29 12.67 -13.92
C1 OLC N . -6.97 10.45 -14.10
C22 OLC N . -6.03 13.94 -14.71
O19 OLC N . -6.52 10.32 -13.01
O25 OLC N . -4.75 15.96 -14.60
O23 OLC N . -5.29 13.64 -15.86
O20 OLC N . -6.91 11.70 -14.72
H10 OLC N . -14.47 5.19 -11.79
H9 OLC N . -13.35 5.86 -13.59
H11 OLC N . -12.86 2.98 -11.44
H11A OLC N . -14.09 2.52 -12.34
H8 OLC N . -12.83 3.42 -14.59
H8A OLC N . -11.77 3.55 -13.43
H24 OLC N . -4.48 14.42 -13.44
H24A OLC N . -5.80 15.23 -13.12
H12 OLC N . -14.18 3.42 -9.67
H12A OLC N . -15.47 3.62 -10.57
H7 OLC N . -10.63 4.29 -15.23
H7A OLC N . -11.87 5.09 -15.78
H15A OLC N . -16.49 0.14 -7.55
H13 OLC N . -14.29 1.09 -10.03
H13A OLC N . -15.60 1.29 -10.91
H6 OLC N . -10.68 5.90 -13.35
H6A OLC N . -11.58 6.78 -14.31
H14 OLC N . -15.47 2.07 -8.18
H14A OLC N . -16.78 2.05 -9.06
H5 OLC N . -9.87 7.38 -15.54
H5A OLC N . -9.22 5.93 -15.49
H4 OLC N . -7.74 6.84 -14.15
H4A OLC N . -8.87 6.78 -13.04
H3 OLC N . -9.53 8.98 -14.11
H3A OLC N . -8.47 8.94 -12.94
H2 OLC N . -8.04 9.55 -15.62
H2A OLC N . -6.93 8.58 -14.99
H21 OLC N . -6.88 12.88 -13.17
H21A OLC N . -5.45 12.32 -13.59
H22 OLC N . -6.87 14.36 -14.96
HO25 OLC N . -4.99 15.86 -15.40
HO23 OLC N . -5.08 12.81 -15.86
C24 OLC O . -11.51 17.01 -5.26
C7 OLC O . -18.36 8.68 -4.36
C6 OLC O . -17.58 9.96 -4.06
C5 OLC O . -16.61 10.25 -5.21
C4 OLC O . -15.76 11.45 -4.81
C3 OLC O . -15.32 12.23 -6.04
C2 OLC O . -14.62 13.49 -5.54
C21 OLC O . -11.88 15.48 -7.21
C1 OLC O . -13.72 14.09 -6.61
C22 OLC O . -11.44 16.88 -6.78
O19 OLC O . -13.89 13.82 -7.76
O25 OLC O . -10.70 18.08 -4.84
O23 OLC O . -10.12 17.10 -7.21
O20 OLC O . -12.69 14.96 -6.21
H24 OLC O . -11.20 16.19 -4.85
H24A OLC O . -12.43 17.17 -5.00
H7A OLC O . -17.93 8.23 -5.10
H6 OLC O . -17.09 9.86 -3.24
H6A OLC O . -18.21 10.71 -3.97
H5 OLC O . -16.05 9.48 -5.35
H5A OLC O . -17.10 10.46 -6.01
H4 OLC O . -16.27 12.04 -4.22
H4A OLC O . -14.97 11.14 -4.33
H3 OLC O . -14.70 11.71 -6.57
H3A OLC O . -16.09 12.48 -6.57
H2 OLC O . -14.09 13.27 -4.75
H2A OLC O . -15.30 14.15 -5.28
H21 OLC O . -11.09 14.92 -7.33
H21A OLC O . -12.37 15.53 -8.04
H22 OLC O . -12.02 17.53 -7.19
HO25 OLC O . -10.11 18.23 -5.43
HO23 OLC O . -10.06 16.95 -8.04
C8 OLC P . -18.64 -1.95 25.38
C24 OLC P . -18.31 -12.61 19.19
C7 OLC P . -19.33 -3.20 24.83
C6 OLC P . -18.69 -3.61 23.51
C5 OLC P . -19.25 -4.98 23.10
C4 OLC P . -18.22 -5.76 22.30
C3 OLC P . -17.39 -6.63 23.25
C2 OLC P . -18.01 -8.02 23.33
C21 OLC P . -17.62 -10.94 20.94
C1 OLC P . -17.49 -8.93 22.21
C22 OLC P . -18.79 -11.66 20.29
O19 OLC P . -16.56 -8.59 21.57
O25 OLC P . -17.48 -11.91 18.31
O23 OLC P . -19.48 -12.40 21.26
O20 OLC P . -18.14 -10.15 21.98
H8A OLC P . -19.21 -1.54 26.05
H24 OLC P . -17.81 -13.34 19.59
H24A OLC P . -19.07 -12.97 18.70
H7 OLC P . -19.24 -3.92 25.47
H7A OLC P . -20.28 -3.00 24.69
H6 OLC P . -17.73 -3.67 23.62
H6A OLC P . -18.90 -2.96 22.83
H5 OLC P . -19.49 -5.48 23.90
H5A OLC P . -20.05 -4.85 22.56
H4 OLC P . -18.67 -6.33 21.65
H4A OLC P . -17.64 -5.14 21.83
H3 OLC P . -17.37 -6.22 24.12
H3A OLC P . -16.49 -6.70 22.90
H2 OLC P . -18.98 -7.95 23.25
H2A OLC P . -17.79 -8.42 24.19
H21 OLC P . -17.00 -11.59 21.30
H21A OLC P . -17.18 -10.38 20.29
H22 OLC P . -19.40 -11.01 19.89
HO25 OLC P . -17.22 -12.43 17.68
HO23 OLC P . -19.27 -12.10 22.03
C5 OLC Q . 14.36 -7.01 -5.79
C4 OLC Q . 13.17 -6.38 -5.07
C3 OLC Q . 11.87 -6.91 -5.65
C2 OLC Q . 11.11 -7.69 -4.58
C21 OLC Q . 7.66 -9.20 -4.83
C1 OLC Q . 9.79 -8.22 -5.14
C22 OLC Q . 6.57 -9.20 -3.76
O19 OLC Q . 9.59 -8.20 -6.31
O23 OLC Q . 6.60 -10.41 -3.06
O20 OLC Q . 8.84 -8.73 -4.25
H5A OLC Q . 14.24 -6.92 -6.75
H4 OLC Q . 13.21 -6.60 -4.12
H4A OLC Q . 13.21 -5.42 -5.17
H3 OLC Q . 11.33 -6.17 -5.97
H3A OLC Q . 12.07 -7.50 -6.40
H2 OLC Q . 10.92 -7.09 -3.83
H2A OLC Q . 11.66 -8.43 -4.28
H21 OLC Q . 7.39 -8.63 -5.56
H21A OLC Q . 7.79 -10.10 -5.16
HO23 OLC Q . 7.33 -10.47 -2.62
C18 OLC R . 10.20 0.89 -23.27
C10 OLC R . 16.20 5.13 -23.20
C9 OLC R . 17.30 5.74 -22.80
C17 OLC R . 11.09 -0.02 -22.42
C11 OLC R . 14.82 5.67 -22.86
C8 OLC R . 17.24 7.02 -21.98
C24 OLC R . 25.43 15.99 -17.85
C16 OLC R . 12.55 0.45 -22.40
C12 OLC R . 13.85 4.51 -22.69
C7 OLC R . 18.46 7.88 -22.25
C15 OLC R . 12.61 1.92 -22.05
C13 OLC R . 14.16 3.78 -21.38
C6 OLC R . 18.14 9.28 -21.78
C14 OLC R . 14.02 2.28 -21.57
C5 OLC R . 19.24 10.22 -22.28
C4 OLC R . 19.48 11.32 -21.26
C3 OLC R . 20.99 11.50 -21.07
C2 OLC R . 21.27 12.97 -20.77
C21 OLC R . 24.52 14.39 -19.55
C1 OLC R . 22.72 13.11 -20.33
C22 OLC R . 24.91 15.84 -19.29
O19 OLC R . 23.45 12.17 -20.32
O25 OLC R . 24.36 16.19 -16.98
O23 OLC R . 25.90 16.22 -20.20
O20 OLC R . 23.19 14.37 -19.94
H18 OLC R . 10.24 1.80 -22.91
H18A OLC R . 10.53 0.89 -24.18
H18B OLC R . 9.29 0.58 -23.24
H10 OLC R . 16.27 4.34 -23.70
H9 OLC R . 18.13 5.37 -23.02
H17 OLC R . 11.05 -0.92 -22.78
H17A OLC R . 10.75 -0.04 -21.51
H11 OLC R . 14.51 6.25 -23.58
H11A OLC R . 14.85 6.19 -22.04
H8 OLC R . 16.44 7.52 -22.22
H8A OLC R . 17.21 6.80 -21.03
H24 OLC R . 25.91 15.19 -17.60
H24A OLC R . 26.03 16.75 -17.81
H16 OLC R . 12.95 0.31 -23.28
H16A OLC R . 13.04 -0.07 -21.74
H12 OLC R . 13.95 3.89 -23.43
H12A OLC R . 12.93 4.84 -22.66
H7 OLC R . 19.23 7.52 -21.77
H7A OLC R . 18.66 7.89 -23.21
H15 OLC R . 12.40 2.46 -22.83
H15A OLC R . 11.99 2.12 -21.34
H13 OLC R . 13.55 4.08 -20.69
H13A OLC R . 15.08 4.00 -21.10
H6 OLC R . 18.12 9.30 -20.80
H6A OLC R . 17.29 9.56 -22.13
H14 OLC R . 14.20 1.83 -20.72
H14A OLC R . 14.67 1.97 -22.23
H5 OLC R . 20.05 9.72 -22.42
H5A OLC R . 18.95 10.62 -23.11
H4 OLC R . 19.10 12.16 -21.58
H4A OLC R . 19.09 11.09 -20.41
H3 OLC R . 21.30 10.95 -20.34
H3A OLC R . 21.44 11.24 -21.89
H2 OLC R . 20.69 13.28 -20.07
H2A OLC R . 21.12 13.50 -21.57
H21 OLC R . 24.64 13.86 -18.75
H21A OLC R . 25.08 14.02 -20.26
H22 OLC R . 24.13 16.40 -19.40
HO25 OLC R . 23.89 16.86 -17.24
HO23 OLC R . 25.60 16.13 -20.99
#